data_3AM8
#
_entry.id   3AM8
#
_cell.length_a   58.628
_cell.length_b   99.237
_cell.length_c   76.590
_cell.angle_alpha   90.00
_cell.angle_beta   92.72
_cell.angle_gamma   90.00
#
_symmetry.space_group_name_H-M   'P 1 21 1'
#
loop_
_entity.id
_entity.type
_entity.pdbx_description
1 polymer 'HLA class I histocompatibility antigen, alpha chain E'
2 polymer Beta-2-microglobulin
3 polymer 'Peptide from Glycoprotein'
4 water water
#
loop_
_entity_poly.entity_id
_entity_poly.type
_entity_poly.pdbx_seq_one_letter_code
_entity_poly.pdbx_strand_id
1 'polypeptide(L)'
;GSHSLKYFHTSVSRPGRGEPRFISVGYVDDTQFVRFDNDAASPRMVPRAPWMEQEGSEYWDRETRSARDTAQIFRVNLRT
LRGYYNQSEAGSHTLQWMHGCELGPDRRFLRGYEQFAYDGKDYLTLNEDLRSWTAVDTAAQISEQKSNDASEAEHQRAYL
EDTCVEWLHKYLEKGKETLLHLEPPKTHVTHHPISDHEATLRCWALGFYPAEITLTWQQDGEGHTQDTELVETRPAGDGT
FQKWAAVVVPSGEEQRYTCHVQHEGLPEPVTLRWKP
;
A,B
2 'polypeptide(L)'
;MIQRTPKIQVYSRHPAENGKSNFLNCYVSGFHPSDIEVDLLKNGERIEKVEHSDLSFSKDWSFYLLYYTEFTPTEKDEYA
CRVNHVTLSQPKIVKWDRDM
;
C,D
3 'polypeptide(L)' VMGPRTLIL E,F
#
# COMPACT_ATOMS: atom_id res chain seq x y z
N GLY A 1 3.45 8.50 8.56
CA GLY A 1 4.79 8.70 9.08
C GLY A 1 5.73 7.55 8.77
N SER A 2 6.71 7.34 9.64
CA SER A 2 7.67 6.24 9.46
C SER A 2 7.05 4.88 9.76
N HIS A 3 7.45 3.89 8.97
CA HIS A 3 7.03 2.51 9.19
C HIS A 3 8.25 1.60 9.14
N SER A 4 8.15 0.44 9.76
CA SER A 4 9.26 -0.50 9.79
C SER A 4 8.80 -1.95 9.72
N LEU A 5 9.69 -2.81 9.25
CA LEU A 5 9.45 -4.25 9.24
C LEU A 5 10.58 -4.94 9.99
N LYS A 6 10.28 -5.42 11.19
CA LYS A 6 11.29 -6.01 12.05
C LYS A 6 11.00 -7.47 12.36
N TYR A 7 12.06 -8.25 12.58
CA TYR A 7 11.92 -9.65 12.96
C TYR A 7 12.79 -9.95 14.17
N PHE A 8 12.36 -10.89 14.99
CA PHE A 8 13.09 -11.23 16.21
C PHE A 8 13.27 -12.74 16.33
N HIS A 9 14.52 -13.18 16.30
CA HIS A 9 14.82 -14.60 16.32
C HIS A 9 15.48 -15.00 17.62
N THR A 10 15.04 -16.10 18.20
CA THR A 10 15.59 -16.55 19.47
C THR A 10 15.74 -18.07 19.52
N SER A 11 16.94 -18.53 19.82
CA SER A 11 17.18 -19.96 20.00
C SER A 11 17.82 -20.25 21.36
N VAL A 12 17.17 -21.12 22.13
CA VAL A 12 17.63 -21.43 23.48
C VAL A 12 17.87 -22.93 23.63
N SER A 13 19.12 -23.29 23.90
CA SER A 13 19.49 -24.69 24.06
C SER A 13 19.00 -25.24 25.38
N ARG A 14 18.63 -26.52 25.38
CA ARG A 14 18.26 -27.21 26.61
C ARG A 14 19.03 -28.52 26.69
N PRO A 15 20.32 -28.44 27.06
CA PRO A 15 21.29 -29.53 27.05
C PRO A 15 20.68 -30.86 27.47
N GLY A 16 19.92 -30.86 28.55
CA GLY A 16 19.30 -32.07 29.05
C GLY A 16 18.18 -32.59 28.18
N ARG A 17 17.24 -31.70 27.84
CA ARG A 17 15.97 -32.13 27.24
C ARG A 17 15.85 -31.94 25.73
N GLY A 18 16.96 -32.09 25.01
CA GLY A 18 16.90 -32.17 23.56
C GLY A 18 17.32 -30.95 22.78
N GLU A 19 16.85 -30.87 21.54
CA GLU A 19 17.22 -29.80 20.61
C GLU A 19 16.79 -28.43 21.10
N PRO A 20 17.53 -27.39 20.68
CA PRO A 20 17.26 -26.00 21.06
C PRO A 20 15.90 -25.53 20.58
N ARG A 21 15.19 -24.77 21.41
CA ARG A 21 13.91 -24.20 21.04
C ARG A 21 14.11 -22.91 20.27
N PHE A 22 13.48 -22.81 19.11
CA PHE A 22 13.62 -21.61 18.27
C PHE A 22 12.28 -20.92 18.04
N ILE A 23 12.25 -19.61 18.26
CA ILE A 23 11.05 -18.83 18.05
C ILE A 23 11.34 -17.61 17.19
N SER A 24 10.43 -17.31 16.26
CA SER A 24 10.60 -16.20 15.34
C SER A 24 9.31 -15.40 15.25
N VAL A 25 9.44 -14.07 15.30
CA VAL A 25 8.27 -13.21 15.22
C VAL A 25 8.50 -12.03 14.27
N GLY A 26 7.44 -11.62 13.57
CA GLY A 26 7.52 -10.51 12.65
C GLY A 26 6.65 -9.35 13.09
N TYR A 27 7.10 -8.13 12.81
CA TYR A 27 6.39 -6.94 13.24
C TYR A 27 6.33 -5.87 12.15
N VAL A 28 5.14 -5.34 11.93
CA VAL A 28 5.01 -4.09 11.19
C VAL A 28 4.62 -3.06 12.22
N ASP A 29 5.51 -2.08 12.44
CA ASP A 29 5.34 -1.12 13.52
C ASP A 29 5.21 -1.85 14.85
N ASP A 30 4.18 -1.52 15.61
CA ASP A 30 3.96 -2.14 16.91
C ASP A 30 3.02 -3.33 16.81
N THR A 31 2.80 -3.82 15.59
CA THR A 31 1.90 -4.95 15.36
C THR A 31 2.63 -6.22 14.93
N GLN A 32 2.43 -7.30 15.68
CA GLN A 32 2.94 -8.61 15.28
C GLN A 32 1.99 -9.21 14.25
N PHE A 33 2.54 -9.91 13.26
CA PHE A 33 1.71 -10.44 12.17
C PHE A 33 2.08 -11.87 11.77
N VAL A 34 3.26 -12.33 12.17
CA VAL A 34 3.68 -13.70 11.89
C VAL A 34 4.55 -14.26 13.01
N ARG A 35 4.67 -15.58 13.04
CA ARG A 35 5.50 -16.24 14.04
C ARG A 35 5.79 -17.68 13.64
N PHE A 36 7.00 -18.14 13.98
CA PHE A 36 7.39 -19.52 13.73
C PHE A 36 7.97 -20.14 15.00
N ASP A 37 7.29 -21.16 15.52
CA ASP A 37 7.78 -21.87 16.69
C ASP A 37 8.08 -23.33 16.34
N ASN A 38 9.35 -23.70 16.38
CA ASN A 38 9.78 -25.04 15.98
C ASN A 38 9.62 -26.05 17.11
N ASP A 39 8.90 -25.65 18.16
CA ASP A 39 8.75 -26.49 19.34
C ASP A 39 7.65 -27.53 19.18
N ALA A 40 7.04 -27.58 18.00
CA ALA A 40 6.02 -28.58 17.70
C ALA A 40 6.51 -29.55 16.64
N ALA A 41 5.71 -30.58 16.36
CA ALA A 41 6.00 -31.47 15.24
C ALA A 41 5.31 -30.90 14.00
N SER A 42 6.07 -30.81 12.90
CA SER A 42 5.57 -30.16 11.69
C SER A 42 5.29 -28.68 11.94
N PRO A 43 6.36 -27.90 12.21
CA PRO A 43 6.24 -26.47 12.49
C PRO A 43 6.18 -25.63 11.23
N ARG A 44 5.32 -24.61 11.22
CA ARG A 44 5.22 -23.71 10.08
C ARG A 44 5.09 -22.27 10.55
N MET A 45 5.42 -21.34 9.65
CA MET A 45 5.17 -19.93 9.89
C MET A 45 3.66 -19.68 9.80
N VAL A 46 3.08 -19.12 10.85
CA VAL A 46 1.64 -18.92 10.88
C VAL A 46 1.30 -17.46 11.13
N PRO A 47 0.16 -17.00 10.59
CA PRO A 47 -0.28 -15.61 10.76
C PRO A 47 -0.67 -15.30 12.20
N ARG A 48 -0.35 -14.09 12.64
CA ARG A 48 -0.72 -13.64 13.98
C ARG A 48 -1.53 -12.35 13.89
N ALA A 49 -1.76 -11.91 12.66
CA ALA A 49 -2.66 -10.78 12.42
C ALA A 49 -3.78 -11.23 11.49
N PRO A 50 -5.00 -10.71 11.71
CA PRO A 50 -6.16 -11.06 10.89
C PRO A 50 -5.95 -10.74 9.42
N TRP A 51 -5.27 -9.63 9.11
CA TRP A 51 -5.04 -9.23 7.72
C TRP A 51 -3.99 -10.10 7.02
N MET A 52 -3.65 -11.23 7.64
CA MET A 52 -2.70 -12.17 7.06
C MET A 52 -3.34 -13.54 6.86
N GLU A 53 -4.53 -13.72 7.39
CA GLU A 53 -5.18 -15.02 7.42
C GLU A 53 -5.58 -15.56 6.03
N GLN A 54 -5.49 -14.70 5.01
CA GLN A 54 -5.92 -15.11 3.67
C GLN A 54 -4.78 -15.11 2.65
N GLU A 55 -3.58 -15.48 3.10
CA GLU A 55 -2.44 -15.60 2.20
C GLU A 55 -2.35 -17.00 1.63
N GLY A 56 -1.74 -17.12 0.45
CA GLY A 56 -1.66 -18.39 -0.23
C GLY A 56 -0.67 -19.38 0.36
N SER A 57 -0.84 -20.66 0.03
CA SER A 57 0.07 -21.70 0.49
C SER A 57 1.49 -21.37 0.09
N GLU A 58 1.64 -20.76 -1.09
CA GLU A 58 2.93 -20.37 -1.61
C GLU A 58 3.70 -19.51 -0.61
N TYR A 59 3.00 -18.58 0.03
CA TYR A 59 3.62 -17.66 0.97
C TYR A 59 4.15 -18.39 2.20
N TRP A 60 3.30 -19.21 2.82
CA TRP A 60 3.65 -19.89 4.05
C TRP A 60 4.67 -21.00 3.81
N ASP A 61 4.68 -21.57 2.61
CA ASP A 61 5.68 -22.56 2.23
C ASP A 61 7.08 -21.95 2.27
N ARG A 62 7.21 -20.75 1.73
CA ARG A 62 8.50 -20.08 1.64
C ARG A 62 8.98 -19.57 3.00
N GLU A 63 8.06 -19.00 3.78
CA GLU A 63 8.40 -18.50 5.10
C GLU A 63 8.73 -19.63 6.06
N THR A 64 8.05 -20.77 5.89
CA THR A 64 8.33 -21.93 6.71
C THR A 64 9.72 -22.47 6.40
N ARG A 65 10.08 -22.44 5.12
CA ARG A 65 11.39 -22.90 4.68
C ARG A 65 12.50 -22.02 5.24
N SER A 66 12.33 -20.70 5.11
CA SER A 66 13.31 -19.75 5.63
C SER A 66 13.49 -19.91 7.14
N ALA A 67 12.38 -19.94 7.87
CA ALA A 67 12.42 -20.08 9.33
C ALA A 67 13.09 -21.39 9.74
N ARG A 68 12.66 -22.50 9.12
CA ARG A 68 13.28 -23.79 9.36
C ARG A 68 14.79 -23.74 9.16
N ASP A 69 15.21 -23.22 8.01
CA ASP A 69 16.64 -23.12 7.71
C ASP A 69 17.40 -22.34 8.77
N THR A 70 16.83 -21.21 9.17
CA THR A 70 17.44 -20.36 10.20
C THR A 70 17.56 -21.11 11.53
N ALA A 71 16.51 -21.82 11.90
CA ALA A 71 16.49 -22.59 13.14
C ALA A 71 17.64 -23.60 13.21
N GLN A 72 17.94 -24.23 12.08
CA GLN A 72 19.00 -25.23 12.03
C GLN A 72 20.39 -24.60 12.15
N ILE A 73 20.57 -23.46 11.51
CA ILE A 73 21.84 -22.74 11.58
C ILE A 73 22.08 -22.21 12.99
N PHE A 74 21.04 -21.69 13.62
CA PHE A 74 21.15 -21.21 15.00
C PHE A 74 21.48 -22.35 15.95
N ARG A 75 20.95 -23.53 15.67
CA ARG A 75 21.20 -24.71 16.49
C ARG A 75 22.67 -25.09 16.46
N VAL A 76 23.28 -24.96 15.29
CA VAL A 76 24.68 -25.31 15.12
C VAL A 76 25.59 -24.18 15.59
N ASN A 77 25.16 -22.94 15.36
CA ASN A 77 25.90 -21.78 15.85
C ASN A 77 26.09 -21.89 17.36
N LEU A 78 25.04 -22.31 18.05
CA LEU A 78 25.08 -22.47 19.50
C LEU A 78 26.25 -23.36 19.93
N ARG A 79 26.37 -24.52 19.29
CA ARG A 79 27.47 -25.43 19.57
C ARG A 79 28.81 -24.75 19.29
N THR A 80 28.87 -24.05 18.17
CA THR A 80 30.08 -23.34 17.78
C THR A 80 30.45 -22.29 18.82
N LEU A 81 29.46 -21.50 19.23
CA LEU A 81 29.67 -20.46 20.23
C LEU A 81 30.21 -21.04 21.53
N ARG A 82 29.70 -22.21 21.91
CA ARG A 82 30.13 -22.86 23.13
C ARG A 82 31.64 -23.04 23.19
N GLY A 83 32.27 -23.13 22.03
CA GLY A 83 33.71 -23.33 21.96
C GLY A 83 34.47 -22.03 21.95
N TYR A 84 33.84 -20.99 21.41
CA TYR A 84 34.46 -19.66 21.39
C TYR A 84 34.75 -19.20 22.82
N TYR A 85 33.88 -19.59 23.74
CA TYR A 85 34.14 -19.44 25.16
C TYR A 85 34.46 -20.86 25.65
N ASN A 86 35.12 -20.97 26.80
CA ASN A 86 35.46 -22.29 27.32
C ASN A 86 34.28 -22.88 28.08
N GLN A 87 33.09 -22.76 27.50
CA GLN A 87 31.85 -23.11 28.19
C GLN A 87 31.54 -24.61 28.22
N SER A 88 31.02 -25.05 29.36
CA SER A 88 30.65 -26.45 29.57
C SER A 88 29.41 -26.85 28.79
N GLU A 89 29.29 -28.14 28.51
CA GLU A 89 28.19 -28.67 27.71
C GLU A 89 26.94 -28.91 28.55
N ALA A 90 26.88 -28.26 29.71
CA ALA A 90 25.77 -28.50 30.64
C ALA A 90 24.79 -27.35 30.69
N GLY A 91 25.26 -26.14 30.44
CA GLY A 91 24.43 -24.96 30.56
C GLY A 91 23.60 -24.62 29.34
N SER A 92 22.45 -24.01 29.57
CA SER A 92 21.61 -23.52 28.49
C SER A 92 22.07 -22.13 28.07
N HIS A 93 22.19 -21.91 26.76
CA HIS A 93 22.68 -20.64 26.26
C HIS A 93 21.72 -20.03 25.24
N THR A 94 21.78 -18.72 25.08
CA THR A 94 20.82 -18.00 24.25
C THR A 94 21.47 -17.26 23.09
N LEU A 95 20.92 -17.44 21.89
CA LEU A 95 21.37 -16.69 20.72
C LEU A 95 20.19 -15.91 20.15
N GLN A 96 20.36 -14.60 20.03
CA GLN A 96 19.30 -13.73 19.53
C GLN A 96 19.75 -13.00 18.27
N TRP A 97 18.79 -12.68 17.43
CA TRP A 97 19.06 -12.02 16.15
C TRP A 97 17.88 -11.17 15.73
N MET A 98 18.09 -9.85 15.65
CA MET A 98 17.04 -8.95 15.22
C MET A 98 17.50 -8.17 13.99
N HIS A 99 16.60 -8.04 13.02
CA HIS A 99 16.88 -7.25 11.82
C HIS A 99 15.60 -6.54 11.35
N GLY A 100 15.76 -5.36 10.78
CA GLY A 100 14.63 -4.60 10.30
C GLY A 100 15.00 -3.53 9.29
N CYS A 101 13.98 -3.01 8.60
CA CYS A 101 14.18 -1.92 7.66
C CYS A 101 13.15 -0.83 7.93
N GLU A 102 13.57 0.42 7.83
CA GLU A 102 12.68 1.53 8.11
C GLU A 102 12.46 2.45 6.90
N LEU A 103 11.21 2.90 6.76
CA LEU A 103 10.87 3.88 5.74
C LEU A 103 10.80 5.26 6.38
N GLY A 104 11.31 6.26 5.68
CA GLY A 104 11.20 7.62 6.13
C GLY A 104 9.73 8.03 6.10
N PRO A 105 9.40 9.14 6.77
CA PRO A 105 8.02 9.65 6.72
C PRO A 105 7.65 9.95 5.26
N ASP A 106 8.69 10.14 4.45
CA ASP A 106 8.52 10.39 3.03
C ASP A 106 8.19 9.11 2.27
N ARG A 107 8.21 7.98 3.00
CA ARG A 107 7.75 6.69 2.49
C ARG A 107 8.81 5.89 1.71
N ARG A 108 9.99 6.46 1.51
CA ARG A 108 11.06 5.74 0.84
C ARG A 108 11.86 4.94 1.86
N PHE A 109 12.84 4.17 1.39
CA PHE A 109 13.74 3.47 2.30
C PHE A 109 14.64 4.47 3.00
N LEU A 110 14.80 4.29 4.31
CA LEU A 110 15.59 5.21 5.11
C LEU A 110 16.80 4.53 5.71
N ARG A 111 16.61 3.35 6.29
CA ARG A 111 17.66 2.73 7.07
C ARG A 111 17.43 1.23 7.29
N GLY A 112 18.52 0.51 7.55
CA GLY A 112 18.47 -0.90 7.87
C GLY A 112 19.44 -1.25 8.99
N TYR A 113 19.12 -2.29 9.73
CA TYR A 113 19.97 -2.71 10.83
C TYR A 113 19.88 -4.22 11.06
N GLU A 114 20.92 -4.78 11.68
CA GLU A 114 20.97 -6.21 11.94
C GLU A 114 21.96 -6.48 13.07
N GLN A 115 21.57 -7.33 14.02
CA GLN A 115 22.38 -7.57 15.21
C GLN A 115 22.25 -8.97 15.77
N PHE A 116 23.36 -9.48 16.29
CA PHE A 116 23.38 -10.77 16.99
C PHE A 116 23.78 -10.56 18.44
N ALA A 117 23.17 -11.34 19.33
CA ALA A 117 23.50 -11.29 20.74
C ALA A 117 23.63 -12.70 21.31
N TYR A 118 24.67 -12.92 22.11
CA TYR A 118 24.86 -14.20 22.79
C TYR A 118 24.67 -14.02 24.29
N ASP A 119 23.90 -14.92 24.89
CA ASP A 119 23.57 -14.83 26.30
C ASP A 119 23.23 -13.41 26.73
N GLY A 120 22.52 -12.69 25.86
CA GLY A 120 22.01 -11.37 26.19
C GLY A 120 22.98 -10.22 25.98
N LYS A 121 24.11 -10.48 25.32
CA LYS A 121 25.12 -9.44 25.12
C LYS A 121 25.51 -9.25 23.66
N ASP A 122 25.57 -7.99 23.23
CA ASP A 122 26.01 -7.64 21.89
C ASP A 122 27.14 -8.55 21.42
N TYR A 123 26.87 -9.34 20.38
CA TYR A 123 27.87 -10.26 19.85
C TYR A 123 28.46 -9.72 18.55
N LEU A 124 27.74 -9.91 17.46
CA LEU A 124 28.18 -9.43 16.16
C LEU A 124 27.20 -8.38 15.66
N THR A 125 27.68 -7.42 14.88
CA THR A 125 26.82 -6.33 14.42
C THR A 125 27.13 -5.85 13.01
N LEU A 126 26.09 -5.69 12.20
CA LEU A 126 26.22 -5.22 10.84
C LEU A 126 26.37 -3.69 10.82
N ASN A 127 27.37 -3.20 10.09
CA ASN A 127 27.65 -1.77 10.03
C ASN A 127 26.51 -0.98 9.40
N GLU A 128 26.59 0.35 9.50
CA GLU A 128 25.51 1.21 9.02
C GLU A 128 25.37 1.21 7.50
N ASP A 129 26.49 1.20 6.80
CA ASP A 129 26.46 1.17 5.33
C ASP A 129 26.08 -0.23 4.84
N LEU A 130 25.97 -1.16 5.77
CA LEU A 130 25.49 -2.51 5.49
C LEU A 130 26.44 -3.36 4.66
N ARG A 131 27.72 -2.99 4.65
CA ARG A 131 28.68 -3.64 3.77
C ARG A 131 29.68 -4.55 4.48
N SER A 132 29.71 -4.51 5.81
CA SER A 132 30.56 -5.42 6.57
C SER A 132 30.10 -5.56 8.02
N TRP A 133 30.66 -6.55 8.72
CA TRP A 133 30.27 -6.82 10.09
C TRP A 133 31.33 -6.34 11.07
N THR A 134 30.99 -6.36 12.36
CA THR A 134 31.91 -5.94 13.41
C THR A 134 31.73 -6.79 14.66
N ALA A 135 32.85 -7.24 15.21
CA ALA A 135 32.84 -7.96 16.48
C ALA A 135 32.64 -6.96 17.62
N VAL A 136 31.50 -7.05 18.29
CA VAL A 136 31.23 -6.17 19.42
C VAL A 136 31.76 -6.84 20.67
N ASP A 137 31.46 -8.12 20.83
CA ASP A 137 32.08 -8.92 21.86
C ASP A 137 33.44 -9.39 21.32
N THR A 138 34.47 -9.24 22.14
CA THR A 138 35.82 -9.61 21.72
C THR A 138 35.90 -11.05 21.24
N ALA A 139 34.97 -11.88 21.72
CA ALA A 139 34.97 -13.30 21.41
C ALA A 139 34.28 -13.61 20.08
N ALA A 140 33.94 -12.56 19.33
CA ALA A 140 33.20 -12.73 18.07
C ALA A 140 34.08 -12.49 16.84
N GLN A 141 35.38 -12.32 17.05
CA GLN A 141 36.28 -11.95 15.96
C GLN A 141 36.38 -13.00 14.85
N ILE A 142 36.30 -14.28 15.22
CA ILE A 142 36.29 -15.35 14.23
C ILE A 142 35.00 -15.31 13.41
N SER A 143 33.87 -15.26 14.11
CA SER A 143 32.57 -15.13 13.45
C SER A 143 32.58 -13.93 12.51
N GLU A 144 33.34 -12.91 12.89
CA GLU A 144 33.43 -11.69 12.11
C GLU A 144 34.23 -11.90 10.82
N GLN A 145 35.42 -12.50 10.93
CA GLN A 145 36.27 -12.70 9.76
C GLN A 145 35.64 -13.69 8.79
N LYS A 146 34.99 -14.71 9.33
CA LYS A 146 34.27 -15.67 8.50
C LYS A 146 33.12 -15.01 7.75
N SER A 147 32.44 -14.07 8.41
CA SER A 147 31.32 -13.40 7.79
C SER A 147 31.75 -12.40 6.71
N ASN A 148 32.89 -11.76 6.92
CA ASN A 148 33.39 -10.78 5.97
C ASN A 148 34.16 -11.41 4.81
N ASP A 149 34.70 -12.60 5.04
CA ASP A 149 35.39 -13.33 3.97
C ASP A 149 34.39 -13.89 2.96
N ALA A 150 33.19 -14.21 3.45
CA ALA A 150 32.16 -14.81 2.59
C ALA A 150 31.13 -13.78 2.13
N SER A 151 31.38 -12.51 2.45
CA SER A 151 30.51 -11.43 2.00
C SER A 151 29.06 -11.62 2.42
N GLU A 152 28.86 -12.12 3.64
CA GLU A 152 27.52 -12.35 4.16
C GLU A 152 26.72 -11.05 4.25
N ALA A 153 27.43 -9.94 4.38
CA ALA A 153 26.78 -8.63 4.48
C ALA A 153 26.05 -8.31 3.18
N GLU A 154 26.56 -8.84 2.07
CA GLU A 154 25.99 -8.55 0.76
C GLU A 154 24.59 -9.15 0.63
N HIS A 155 24.42 -10.36 1.14
CA HIS A 155 23.12 -11.02 1.14
C HIS A 155 22.13 -10.28 2.04
N GLN A 156 22.66 -9.66 3.08
CA GLN A 156 21.82 -8.94 4.04
C GLN A 156 21.45 -7.55 3.53
N ARG A 157 22.41 -6.88 2.90
CA ARG A 157 22.14 -5.58 2.30
C ARG A 157 21.07 -5.73 1.23
N ALA A 158 21.15 -6.83 0.49
CA ALA A 158 20.17 -7.13 -0.54
C ALA A 158 18.78 -7.27 0.06
N TYR A 159 18.69 -8.01 1.16
CA TYR A 159 17.41 -8.23 1.83
C TYR A 159 16.86 -6.92 2.38
N LEU A 160 17.66 -6.24 3.20
CA LEU A 160 17.22 -5.04 3.88
C LEU A 160 16.84 -3.89 2.95
N GLU A 161 17.68 -3.62 1.95
CA GLU A 161 17.47 -2.48 1.07
C GLU A 161 16.37 -2.67 0.03
N ASP A 162 16.13 -3.92 -0.36
CA ASP A 162 15.18 -4.19 -1.44
C ASP A 162 14.03 -5.10 -1.03
N THR A 163 14.34 -6.36 -0.78
CA THR A 163 13.33 -7.35 -0.43
C THR A 163 12.45 -6.88 0.72
N CYS A 164 13.08 -6.57 1.86
CA CYS A 164 12.37 -6.20 3.07
C CYS A 164 11.43 -5.01 2.86
N VAL A 165 11.88 -4.04 2.08
CA VAL A 165 11.10 -2.83 1.83
C VAL A 165 9.85 -3.12 1.01
N GLU A 166 10.01 -3.90 -0.05
CA GLU A 166 8.90 -4.25 -0.93
C GLU A 166 7.75 -4.88 -0.15
N TRP A 167 8.07 -5.83 0.71
CA TRP A 167 7.05 -6.53 1.48
C TRP A 167 6.45 -5.65 2.58
N LEU A 168 7.24 -4.71 3.08
CA LEU A 168 6.72 -3.75 4.05
C LEU A 168 5.58 -2.95 3.42
N HIS A 169 5.75 -2.59 2.16
CA HIS A 169 4.71 -1.87 1.42
C HIS A 169 3.46 -2.73 1.22
N LYS A 170 3.66 -3.98 0.81
CA LYS A 170 2.54 -4.90 0.64
C LYS A 170 1.80 -5.06 1.97
N TYR A 171 2.55 -5.21 3.05
CA TYR A 171 1.95 -5.41 4.37
C TYR A 171 1.09 -4.22 4.76
N LEU A 172 1.57 -3.02 4.45
CA LEU A 172 0.84 -1.81 4.79
C LEU A 172 -0.47 -1.70 3.99
N GLU A 173 -0.47 -2.26 2.78
CA GLU A 173 -1.68 -2.30 1.98
C GLU A 173 -2.66 -3.33 2.53
N LYS A 174 -2.18 -4.54 2.78
CA LYS A 174 -3.03 -5.61 3.27
C LYS A 174 -3.65 -5.27 4.61
N GLY A 175 -2.96 -4.47 5.40
CA GLY A 175 -3.42 -4.15 6.75
C GLY A 175 -3.77 -2.70 7.00
N LYS A 176 -3.80 -1.91 5.94
CA LYS A 176 -4.05 -0.46 6.06
C LYS A 176 -5.08 -0.09 7.12
N GLU A 177 -6.21 -0.80 7.13
CA GLU A 177 -7.30 -0.50 8.04
C GLU A 177 -6.84 -0.30 9.49
N THR A 178 -5.91 -1.13 9.94
CA THR A 178 -5.41 -1.05 11.31
C THR A 178 -4.01 -0.45 11.40
N LEU A 179 -3.14 -0.83 10.47
CA LEU A 179 -1.75 -0.37 10.47
C LEU A 179 -1.64 1.14 10.27
N LEU A 180 -2.51 1.71 9.44
CA LEU A 180 -2.44 3.12 9.12
C LEU A 180 -3.50 3.94 9.87
N HIS A 181 -4.20 3.29 10.78
CA HIS A 181 -5.24 3.97 11.57
C HIS A 181 -4.68 4.49 12.88
N LEU A 182 -4.65 5.82 13.03
CA LEU A 182 -4.21 6.42 14.29
C LEU A 182 -5.31 6.35 15.34
N GLU A 183 -5.23 5.33 16.20
CA GLU A 183 -6.22 5.16 17.26
C GLU A 183 -5.80 5.96 18.50
N PRO A 184 -6.56 7.01 18.81
CA PRO A 184 -6.24 7.93 19.91
C PRO A 184 -6.63 7.36 21.27
N PRO A 185 -5.90 7.78 22.32
CA PRO A 185 -6.12 7.29 23.69
C PRO A 185 -7.40 7.83 24.32
N LYS A 186 -8.04 7.01 25.14
CA LYS A 186 -9.19 7.44 25.92
C LYS A 186 -8.71 7.76 27.33
N THR A 187 -8.76 9.03 27.70
CA THR A 187 -8.14 9.48 28.94
C THR A 187 -9.15 9.81 30.03
N HIS A 188 -8.69 9.78 31.27
CA HIS A 188 -9.51 10.16 32.43
C HIS A 188 -8.68 10.08 33.71
N VAL A 189 -9.10 10.83 34.73
CA VAL A 189 -8.39 10.82 36.00
C VAL A 189 -9.23 10.17 37.10
N THR A 190 -8.59 9.35 37.92
CA THR A 190 -9.25 8.71 39.05
C THR A 190 -8.73 9.26 40.37
N HIS A 191 -9.53 9.12 41.41
CA HIS A 191 -9.17 9.63 42.73
C HIS A 191 -9.10 8.52 43.76
N HIS A 192 -8.03 8.51 44.55
CA HIS A 192 -7.85 7.45 45.55
C HIS A 192 -7.24 7.99 46.83
N PRO A 193 -8.08 8.26 47.84
CA PRO A 193 -7.56 8.75 49.13
C PRO A 193 -6.55 7.79 49.72
N ILE A 194 -5.47 8.33 50.28
CA ILE A 194 -4.47 7.53 50.97
C ILE A 194 -4.65 7.72 52.47
N SER A 195 -4.98 8.95 52.84
CA SER A 195 -5.34 9.29 54.21
C SER A 195 -6.33 10.44 54.15
N ASP A 196 -6.66 11.03 55.29
CA ASP A 196 -7.57 12.16 55.30
C ASP A 196 -6.96 13.39 54.64
N HIS A 197 -5.64 13.34 54.43
CA HIS A 197 -4.90 14.52 53.99
C HIS A 197 -4.10 14.31 52.71
N GLU A 198 -4.08 13.08 52.22
CA GLU A 198 -3.42 12.78 50.95
C GLU A 198 -4.33 11.99 50.03
N ALA A 199 -4.01 12.00 48.75
CA ALA A 199 -4.80 11.28 47.76
C ALA A 199 -4.02 11.11 46.46
N THR A 200 -4.26 9.99 45.78
CA THR A 200 -3.58 9.70 44.52
C THR A 200 -4.43 10.13 43.32
N LEU A 201 -3.87 11.00 42.48
CA LEU A 201 -4.48 11.34 41.22
C LEU A 201 -3.81 10.52 40.12
N ARG A 202 -4.60 9.65 39.49
CA ARG A 202 -4.08 8.76 38.47
C ARG A 202 -4.71 9.04 37.11
N CYS A 203 -3.88 9.46 36.16
CA CYS A 203 -4.33 9.76 34.82
C CYS A 203 -4.16 8.56 33.89
N TRP A 204 -5.27 8.10 33.30
CA TRP A 204 -5.24 6.93 32.42
C TRP A 204 -5.21 7.31 30.95
N ALA A 205 -4.61 6.44 30.14
CA ALA A 205 -4.69 6.54 28.69
C ALA A 205 -4.93 5.13 28.14
N LEU A 206 -6.14 4.90 27.64
CA LEU A 206 -6.57 3.54 27.31
C LEU A 206 -6.92 3.34 25.84
N GLY A 207 -6.65 2.13 25.35
CA GLY A 207 -7.02 1.74 23.99
C GLY A 207 -6.48 2.60 22.87
N PHE A 208 -5.18 2.86 22.90
CA PHE A 208 -4.55 3.67 21.86
C PHE A 208 -3.47 2.92 21.07
N TYR A 209 -3.35 3.26 19.79
CA TYR A 209 -2.30 2.75 18.92
C TYR A 209 -1.91 3.87 17.97
N PRO A 210 -0.60 4.05 17.72
CA PRO A 210 0.53 3.21 18.15
C PRO A 210 0.88 3.35 19.64
N ALA A 211 2.07 2.86 20.01
CA ALA A 211 2.46 2.74 21.40
C ALA A 211 3.15 3.99 21.96
N GLU A 212 3.73 4.79 21.08
CA GLU A 212 4.40 6.02 21.50
C GLU A 212 3.40 7.00 22.13
N ILE A 213 3.66 7.38 23.37
CA ILE A 213 2.77 8.30 24.10
C ILE A 213 3.53 8.99 25.22
N THR A 214 2.97 10.09 25.72
CA THR A 214 3.58 10.84 26.81
C THR A 214 2.54 11.30 27.83
N LEU A 215 2.74 10.92 29.09
CA LEU A 215 1.86 11.32 30.17
C LEU A 215 2.61 12.17 31.18
N THR A 216 2.14 13.40 31.40
CA THR A 216 2.79 14.29 32.35
C THR A 216 1.78 14.98 33.28
N TRP A 217 2.15 15.11 34.54
CA TRP A 217 1.39 15.88 35.51
C TRP A 217 2.06 17.24 35.71
N GLN A 218 1.26 18.29 35.81
CA GLN A 218 1.80 19.63 36.07
C GLN A 218 1.17 20.25 37.30
N GLN A 219 2.02 20.66 38.24
CA GLN A 219 1.56 21.29 39.48
C GLN A 219 1.45 22.80 39.28
N ASP A 220 0.22 23.30 39.21
CA ASP A 220 -0.06 24.73 39.04
C ASP A 220 0.16 25.19 37.61
N GLY A 221 1.02 24.48 36.89
CA GLY A 221 1.36 24.84 35.52
C GLY A 221 2.86 24.75 35.29
N GLU A 222 3.56 24.21 36.29
CA GLU A 222 5.01 24.07 36.24
C GLU A 222 5.39 22.61 36.05
N GLY A 223 6.64 22.36 35.68
CA GLY A 223 7.16 21.01 35.62
C GLY A 223 7.06 20.36 36.98
N HIS A 224 6.88 19.04 37.00
CA HIS A 224 6.69 18.32 38.25
C HIS A 224 6.88 16.82 38.03
N THR A 225 8.04 16.45 37.50
CA THR A 225 8.34 15.05 37.19
C THR A 225 8.68 14.24 38.45
N GLN A 226 9.24 14.91 39.44
CA GLN A 226 9.38 14.31 40.77
C GLN A 226 7.98 14.07 41.32
N ASP A 227 7.78 12.91 41.95
CA ASP A 227 6.50 12.54 42.54
C ASP A 227 5.63 11.73 41.57
N THR A 228 5.84 11.92 40.28
CA THR A 228 5.04 11.24 39.25
C THR A 228 5.45 9.77 39.08
N GLU A 229 4.60 8.86 39.55
CA GLU A 229 4.82 7.44 39.31
C GLU A 229 4.31 7.06 37.93
N LEU A 230 5.23 6.67 37.05
CA LEU A 230 4.89 6.33 35.68
C LEU A 230 5.10 4.85 35.43
N VAL A 231 4.06 4.18 34.95
CA VAL A 231 4.18 2.76 34.59
C VAL A 231 4.57 2.63 33.13
N GLU A 232 5.24 1.52 32.80
CA GLU A 232 5.61 1.27 31.41
C GLU A 232 4.38 1.04 30.56
N THR A 233 4.46 1.46 29.30
CA THR A 233 3.37 1.22 28.35
C THR A 233 3.12 -0.28 28.23
N ARG A 234 1.87 -0.67 28.43
CA ARG A 234 1.48 -2.07 28.49
C ARG A 234 0.47 -2.39 27.41
N PRO A 235 0.57 -3.58 26.82
CA PRO A 235 -0.38 -3.99 25.79
C PRO A 235 -1.72 -4.41 26.40
N ALA A 236 -2.81 -3.84 25.90
CA ALA A 236 -4.14 -4.20 26.37
C ALA A 236 -4.48 -5.64 25.96
N GLY A 237 -3.89 -6.09 24.86
CA GLY A 237 -4.07 -7.45 24.40
C GLY A 237 -5.07 -7.59 23.27
N ASP A 238 -5.57 -6.46 22.78
CA ASP A 238 -6.53 -6.47 21.68
C ASP A 238 -5.98 -5.66 20.51
N GLY A 239 -4.70 -5.27 20.60
CA GLY A 239 -4.06 -4.52 19.55
C GLY A 239 -3.68 -3.12 19.97
N THR A 240 -4.25 -2.66 21.08
CA THR A 240 -3.96 -1.32 21.59
C THR A 240 -3.07 -1.35 22.82
N PHE A 241 -2.76 -0.17 23.35
CA PHE A 241 -1.85 -0.04 24.48
C PHE A 241 -2.41 0.79 25.62
N GLN A 242 -1.87 0.59 26.81
CA GLN A 242 -2.28 1.31 28.01
C GLN A 242 -1.08 1.99 28.65
N LYS A 243 -1.35 3.02 29.44
CA LYS A 243 -0.34 3.68 30.25
C LYS A 243 -1.00 4.67 31.19
N TRP A 244 -0.53 4.72 32.44
CA TRP A 244 -1.06 5.70 33.39
C TRP A 244 0.04 6.42 34.17
N ALA A 245 -0.31 7.59 34.70
CA ALA A 245 0.60 8.37 35.53
C ALA A 245 -0.11 8.82 36.80
N ALA A 246 0.57 8.68 37.93
CA ALA A 246 -0.03 9.00 39.22
C ALA A 246 0.83 9.97 40.02
N VAL A 247 0.19 10.93 40.66
CA VAL A 247 0.89 11.89 41.51
C VAL A 247 0.18 12.00 42.85
N VAL A 248 0.94 12.14 43.93
CA VAL A 248 0.36 12.23 45.27
C VAL A 248 0.06 13.68 45.65
N VAL A 249 -1.15 13.92 46.13
CA VAL A 249 -1.65 15.28 46.31
C VAL A 249 -2.36 15.49 47.65
N PRO A 250 -2.25 16.70 48.21
CA PRO A 250 -2.97 17.02 49.45
C PRO A 250 -4.48 17.09 49.23
N SER A 251 -5.24 16.48 50.13
CA SER A 251 -6.69 16.52 50.05
C SER A 251 -7.18 17.97 49.98
N GLY A 252 -7.89 18.29 48.90
CA GLY A 252 -8.48 19.61 48.75
C GLY A 252 -7.80 20.49 47.72
N GLU A 253 -6.67 20.03 47.19
CA GLU A 253 -5.91 20.83 46.23
C GLU A 253 -5.82 20.14 44.87
N GLU A 254 -6.82 19.32 44.54
CA GLU A 254 -6.78 18.54 43.32
C GLU A 254 -6.70 19.41 42.06
N GLN A 255 -7.46 20.50 42.06
CA GLN A 255 -7.57 21.35 40.88
C GLN A 255 -6.24 22.00 40.48
N ARG A 256 -5.28 22.03 41.41
CA ARG A 256 -3.96 22.58 41.13
C ARG A 256 -3.23 21.78 40.07
N TYR A 257 -3.59 20.49 39.96
CA TYR A 257 -2.88 19.55 39.11
C TYR A 257 -3.62 19.23 37.82
N THR A 258 -2.87 19.03 36.75
CA THR A 258 -3.44 18.73 35.45
C THR A 258 -2.62 17.66 34.74
N CYS A 259 -3.32 16.77 34.03
CA CYS A 259 -2.67 15.70 33.27
C CYS A 259 -2.58 16.07 31.79
N HIS A 260 -1.39 15.91 31.20
CA HIS A 260 -1.18 16.27 29.81
C HIS A 260 -0.83 15.05 28.96
N VAL A 261 -1.59 14.85 27.88
CA VAL A 261 -1.43 13.69 27.03
C VAL A 261 -1.06 14.05 25.59
N GLN A 262 0.01 13.44 25.09
CA GLN A 262 0.43 13.65 23.72
C GLN A 262 0.42 12.34 22.93
N HIS A 263 -0.32 12.30 21.84
CA HIS A 263 -0.38 11.12 20.98
C HIS A 263 -0.46 11.53 19.52
N GLU A 264 -0.13 10.60 18.63
CA GLU A 264 -0.13 10.88 17.20
C GLU A 264 -1.54 10.93 16.64
N GLY A 265 -2.46 10.26 17.32
CA GLY A 265 -3.86 10.24 16.92
C GLY A 265 -4.67 11.38 17.54
N LEU A 266 -3.96 12.31 18.18
CA LEU A 266 -4.60 13.47 18.78
C LEU A 266 -4.27 14.74 18.03
N PRO A 267 -5.28 15.37 17.42
CA PRO A 267 -5.11 16.62 16.67
C PRO A 267 -4.28 17.63 17.46
N GLU A 268 -4.76 17.98 18.65
CA GLU A 268 -4.00 18.79 19.58
C GLU A 268 -3.80 18.02 20.88
N PRO A 269 -2.74 18.35 21.63
CA PRO A 269 -2.53 17.74 22.95
C PRO A 269 -3.78 17.87 23.81
N VAL A 270 -3.91 17.02 24.82
CA VAL A 270 -5.09 16.99 25.67
C VAL A 270 -4.76 17.25 27.13
N THR A 271 -5.69 17.88 27.84
CA THR A 271 -5.50 18.19 29.26
C THR A 271 -6.65 17.65 30.10
N LEU A 272 -6.33 17.01 31.22
CA LEU A 272 -7.35 16.48 32.12
C LEU A 272 -7.16 16.97 33.55
N ARG A 273 -8.26 17.34 34.19
CA ARG A 273 -8.29 17.58 35.62
C ARG A 273 -9.24 16.57 36.23
N TRP A 274 -9.11 16.32 37.53
CA TRP A 274 -10.05 15.45 38.20
C TRP A 274 -11.31 16.22 38.55
N LYS A 275 -12.45 15.72 38.08
CA LYS A 275 -13.73 16.37 38.30
C LYS A 275 -14.52 15.68 39.40
N PRO A 276 -14.60 16.31 40.57
CA PRO A 276 -15.29 15.77 41.76
C PRO A 276 -16.69 15.26 41.43
N GLY B 1 -7.06 -2.11 -4.42
CA GLY B 1 -7.76 -3.37 -4.21
C GLY B 1 -8.24 -4.00 -5.52
N SER B 2 -8.98 -3.23 -6.29
CA SER B 2 -9.50 -3.71 -7.58
C SER B 2 -8.54 -3.36 -8.71
N HIS B 3 -8.37 -4.33 -9.62
CA HIS B 3 -7.49 -4.14 -10.76
C HIS B 3 -8.13 -4.68 -12.03
N SER B 4 -7.43 -4.57 -13.15
CA SER B 4 -7.96 -5.05 -14.42
C SER B 4 -6.87 -5.16 -15.48
N LEU B 5 -6.95 -6.22 -16.29
CA LEU B 5 -6.09 -6.39 -17.45
C LEU B 5 -6.93 -6.16 -18.70
N LYS B 6 -6.60 -5.13 -19.47
CA LYS B 6 -7.44 -4.73 -20.60
C LYS B 6 -6.66 -4.58 -21.91
N TYR B 7 -7.31 -4.93 -23.01
CA TYR B 7 -6.71 -4.78 -24.35
C TYR B 7 -7.68 -4.11 -25.32
N PHE B 8 -7.18 -3.15 -26.07
CA PHE B 8 -7.98 -2.39 -27.02
C PHE B 8 -7.43 -2.55 -28.43
N HIS B 9 -8.13 -3.30 -29.25
CA HIS B 9 -7.66 -3.62 -30.60
C HIS B 9 -8.39 -2.80 -31.66
N THR B 10 -7.62 -2.18 -32.54
CA THR B 10 -8.20 -1.35 -33.59
C THR B 10 -7.61 -1.67 -34.96
N SER B 11 -8.45 -2.16 -35.86
CA SER B 11 -8.04 -2.38 -37.23
C SER B 11 -8.83 -1.46 -38.17
N VAL B 12 -8.11 -0.56 -38.83
CA VAL B 12 -8.74 0.37 -39.77
C VAL B 12 -8.37 0.04 -41.21
N SER B 13 -9.36 -0.37 -42.00
CA SER B 13 -9.12 -0.68 -43.40
C SER B 13 -8.78 0.59 -44.16
N ARG B 14 -8.16 0.43 -45.32
CA ARG B 14 -7.85 1.56 -46.19
C ARG B 14 -7.78 1.08 -47.63
N PRO B 15 -8.96 0.81 -48.22
CA PRO B 15 -9.15 0.19 -49.54
C PRO B 15 -8.20 0.73 -50.60
N GLY B 16 -8.00 2.04 -50.62
CA GLY B 16 -7.16 2.66 -51.62
C GLY B 16 -5.68 2.40 -51.44
N ARG B 17 -5.20 2.44 -50.20
CA ARG B 17 -3.77 2.50 -49.94
C ARG B 17 -3.20 1.36 -49.09
N GLY B 18 -3.50 0.12 -49.49
CA GLY B 18 -2.83 -1.04 -48.92
C GLY B 18 -3.48 -1.70 -47.71
N GLU B 19 -2.69 -2.52 -47.03
CA GLU B 19 -3.17 -3.30 -45.87
C GLU B 19 -3.85 -2.46 -44.81
N PRO B 20 -4.88 -3.03 -44.17
CA PRO B 20 -5.56 -2.41 -43.03
C PRO B 20 -4.58 -2.19 -41.89
N ARG B 21 -4.67 -1.04 -41.23
CA ARG B 21 -3.75 -0.71 -40.14
C ARG B 21 -4.26 -1.29 -38.82
N PHE B 22 -3.39 -2.02 -38.13
CA PHE B 22 -3.75 -2.66 -36.86
C PHE B 22 -2.91 -2.13 -35.71
N ILE B 23 -3.55 -1.96 -34.56
CA ILE B 23 -2.89 -1.49 -33.35
C ILE B 23 -3.50 -2.13 -32.11
N SER B 24 -2.66 -2.79 -31.32
CA SER B 24 -3.07 -3.38 -30.05
C SER B 24 -2.39 -2.67 -28.89
N VAL B 25 -3.10 -2.52 -27.79
CA VAL B 25 -2.53 -1.92 -26.59
C VAL B 25 -3.05 -2.61 -25.33
N GLY B 26 -2.13 -2.92 -24.42
CA GLY B 26 -2.48 -3.58 -23.18
C GLY B 26 -2.38 -2.62 -22.01
N TYR B 27 -3.31 -2.75 -21.06
CA TYR B 27 -3.31 -1.91 -19.88
C TYR B 27 -3.44 -2.73 -18.61
N VAL B 28 -2.68 -2.35 -17.60
CA VAL B 28 -2.98 -2.77 -16.23
C VAL B 28 -3.48 -1.53 -15.51
N ASP B 29 -4.72 -1.58 -15.04
CA ASP B 29 -5.38 -0.40 -14.50
C ASP B 29 -5.33 0.74 -15.52
N ASP B 30 -4.76 1.87 -15.11
CA ASP B 30 -4.66 3.03 -15.99
C ASP B 30 -3.27 3.13 -16.62
N THR B 31 -2.55 2.02 -16.65
CA THR B 31 -1.16 2.03 -17.13
C THR B 31 -0.93 1.15 -18.36
N GLN B 32 -0.48 1.77 -19.44
CA GLN B 32 -0.11 1.05 -20.65
C GLN B 32 1.20 0.31 -20.39
N PHE B 33 1.34 -0.90 -20.94
CA PHE B 33 2.55 -1.67 -20.71
C PHE B 33 3.05 -2.39 -21.97
N VAL B 34 2.15 -2.59 -22.94
CA VAL B 34 2.53 -3.24 -24.20
C VAL B 34 1.71 -2.70 -25.37
N ARG B 35 2.26 -2.83 -26.56
CA ARG B 35 1.55 -2.40 -27.76
C ARG B 35 2.08 -3.10 -29.01
N PHE B 36 1.18 -3.44 -29.91
CA PHE B 36 1.56 -3.98 -31.21
C PHE B 36 1.01 -3.12 -32.35
N ASP B 37 1.89 -2.69 -33.24
CA ASP B 37 1.48 -1.87 -34.38
C ASP B 37 2.07 -2.44 -35.66
N ASN B 38 1.19 -2.80 -36.60
CA ASN B 38 1.63 -3.44 -37.83
C ASN B 38 1.92 -2.45 -38.96
N ASP B 39 1.92 -1.16 -38.63
CA ASP B 39 2.21 -0.11 -39.60
C ASP B 39 3.72 0.00 -39.83
N ALA B 40 4.43 -1.10 -39.59
CA ALA B 40 5.88 -1.14 -39.77
C ALA B 40 6.33 -2.51 -40.29
N ALA B 41 7.54 -2.56 -40.86
CA ALA B 41 8.10 -3.82 -41.35
C ALA B 41 8.53 -4.70 -40.19
N SER B 42 8.14 -5.97 -40.25
CA SER B 42 8.41 -6.90 -39.15
C SER B 42 7.91 -6.34 -37.82
N PRO B 43 6.59 -6.20 -37.68
CA PRO B 43 5.97 -5.64 -36.48
C PRO B 43 6.14 -6.55 -35.28
N ARG B 44 6.55 -5.97 -34.16
CA ARG B 44 6.73 -6.75 -32.94
C ARG B 44 5.90 -6.18 -31.79
N MET B 45 5.48 -7.06 -30.89
CA MET B 45 4.89 -6.61 -29.64
C MET B 45 6.03 -6.01 -28.83
N VAL B 46 5.86 -4.76 -28.39
CA VAL B 46 6.90 -4.06 -27.67
C VAL B 46 6.42 -3.49 -26.34
N PRO B 47 7.33 -3.41 -25.35
CA PRO B 47 6.98 -2.89 -24.03
C PRO B 47 6.82 -1.37 -24.05
N ARG B 48 5.79 -0.88 -23.36
CA ARG B 48 5.59 0.56 -23.24
C ARG B 48 5.63 0.96 -21.76
N ALA B 49 6.21 0.09 -20.94
CA ALA B 49 6.40 0.38 -19.53
C ALA B 49 7.77 -0.13 -19.07
N PRO B 50 8.47 0.69 -18.27
CA PRO B 50 9.80 0.36 -17.75
C PRO B 50 9.87 -1.02 -17.12
N TRP B 51 8.83 -1.41 -16.39
CA TRP B 51 8.83 -2.71 -15.71
C TRP B 51 8.55 -3.88 -16.65
N MET B 52 8.59 -3.62 -17.94
CA MET B 52 8.36 -4.65 -18.94
C MET B 52 9.56 -4.84 -19.87
N GLU B 53 10.49 -3.89 -19.82
CA GLU B 53 11.61 -3.85 -20.74
C GLU B 53 12.57 -5.03 -20.58
N GLN B 54 12.56 -5.65 -19.40
CA GLN B 54 13.50 -6.74 -19.12
C GLN B 54 12.87 -8.13 -19.28
N GLU B 55 11.74 -8.20 -19.97
CA GLU B 55 11.12 -9.48 -20.30
C GLU B 55 11.90 -10.15 -21.43
N GLY B 56 11.90 -11.48 -21.45
CA GLY B 56 12.70 -12.23 -22.40
C GLY B 56 12.09 -12.43 -23.77
N SER B 57 12.93 -12.87 -24.70
CA SER B 57 12.50 -13.20 -26.06
C SER B 57 11.25 -14.07 -26.03
N GLU B 58 11.19 -14.95 -25.04
CA GLU B 58 10.07 -15.87 -24.91
C GLU B 58 8.74 -15.13 -24.90
N TYR B 59 8.66 -14.08 -24.09
CA TYR B 59 7.43 -13.30 -23.96
C TYR B 59 7.09 -12.57 -25.25
N TRP B 60 8.05 -11.82 -25.77
CA TRP B 60 7.83 -11.02 -26.96
C TRP B 60 7.56 -11.86 -28.21
N ASP B 61 8.19 -13.03 -28.29
CA ASP B 61 7.92 -13.94 -29.39
C ASP B 61 6.46 -14.39 -29.36
N ARG B 62 6.05 -14.96 -28.23
CA ARG B 62 4.70 -15.48 -28.07
C ARG B 62 3.65 -14.41 -28.36
N GLU B 63 3.87 -13.21 -27.84
CA GLU B 63 2.91 -12.11 -27.98
C GLU B 63 2.88 -11.53 -29.39
N THR B 64 4.03 -11.47 -30.03
CA THR B 64 4.10 -10.99 -31.41
C THR B 64 3.31 -11.91 -32.32
N ARG B 65 3.39 -13.21 -32.07
CA ARG B 65 2.69 -14.18 -32.88
C ARG B 65 1.17 -14.02 -32.73
N SER B 66 0.70 -13.98 -31.49
CA SER B 66 -0.73 -13.79 -31.23
C SER B 66 -1.25 -12.50 -31.85
N ALA B 67 -0.47 -11.43 -31.72
CA ALA B 67 -0.86 -10.14 -32.29
C ALA B 67 -0.98 -10.21 -33.81
N ARG B 68 0.03 -10.77 -34.46
CA ARG B 68 0.01 -10.93 -35.91
C ARG B 68 -1.25 -11.67 -36.32
N ASP B 69 -1.52 -12.77 -35.63
CA ASP B 69 -2.68 -13.61 -35.90
C ASP B 69 -3.98 -12.79 -35.85
N THR B 70 -4.14 -12.01 -34.78
CA THR B 70 -5.31 -11.16 -34.62
C THR B 70 -5.40 -10.16 -35.77
N ALA B 71 -4.24 -9.68 -36.23
CA ALA B 71 -4.19 -8.76 -37.35
C ALA B 71 -4.68 -9.45 -38.62
N GLN B 72 -4.34 -10.72 -38.78
CA GLN B 72 -4.81 -11.48 -39.94
C GLN B 72 -6.33 -11.51 -39.95
N ILE B 73 -6.89 -12.01 -38.85
CA ILE B 73 -8.32 -12.28 -38.78
C ILE B 73 -9.17 -11.01 -38.81
N PHE B 74 -8.59 -9.90 -38.34
CA PHE B 74 -9.28 -8.62 -38.44
C PHE B 74 -9.25 -8.11 -39.87
N ARG B 75 -8.18 -8.45 -40.59
CA ARG B 75 -8.07 -8.11 -42.00
C ARG B 75 -9.19 -8.80 -42.78
N VAL B 76 -9.36 -10.09 -42.51
CA VAL B 76 -10.43 -10.86 -43.13
C VAL B 76 -11.80 -10.37 -42.69
N ASN B 77 -11.99 -10.30 -41.37
CA ASN B 77 -13.26 -9.85 -40.81
C ASN B 77 -13.75 -8.53 -41.39
N LEU B 78 -12.83 -7.60 -41.60
CA LEU B 78 -13.20 -6.29 -42.16
C LEU B 78 -13.86 -6.41 -43.54
N ARG B 79 -13.50 -7.46 -44.28
CA ARG B 79 -14.09 -7.70 -45.59
C ARG B 79 -15.44 -8.39 -45.45
N THR B 80 -15.45 -9.49 -44.70
CA THR B 80 -16.68 -10.20 -44.39
C THR B 80 -17.79 -9.26 -43.92
N LEU B 81 -17.44 -8.30 -43.08
CA LEU B 81 -18.42 -7.34 -42.56
C LEU B 81 -18.98 -6.45 -43.66
N ARG B 82 -18.13 -6.08 -44.61
CA ARG B 82 -18.54 -5.24 -45.72
C ARG B 82 -19.74 -5.84 -46.45
N GLY B 83 -19.90 -7.15 -46.32
CA GLY B 83 -20.99 -7.85 -46.97
C GLY B 83 -22.26 -7.91 -46.15
N TYR B 84 -22.11 -8.09 -44.84
CA TYR B 84 -23.26 -8.15 -43.94
C TYR B 84 -24.19 -6.96 -44.16
N TYR B 85 -23.61 -5.82 -44.51
CA TYR B 85 -24.38 -4.66 -44.93
C TYR B 85 -24.19 -4.49 -46.44
N ASN B 86 -25.24 -4.07 -47.14
CA ASN B 86 -25.07 -3.61 -48.52
C ASN B 86 -24.30 -2.29 -48.44
N GLN B 87 -22.99 -2.39 -48.42
CA GLN B 87 -22.17 -1.27 -47.94
C GLN B 87 -21.23 -0.65 -48.97
N SER B 88 -21.07 0.66 -48.85
CA SER B 88 -20.10 1.42 -49.63
C SER B 88 -19.47 2.47 -48.72
N GLU B 89 -18.36 3.07 -49.13
CA GLU B 89 -17.77 2.82 -50.45
C GLU B 89 -16.47 2.04 -50.28
N ALA B 90 -15.57 2.19 -51.24
CA ALA B 90 -14.20 1.74 -51.08
C ALA B 90 -13.54 2.66 -50.07
N GLY B 91 -14.34 3.13 -49.13
CA GLY B 91 -13.86 3.94 -48.03
C GLY B 91 -13.56 3.05 -46.84
N SER B 92 -12.79 3.59 -45.90
CA SER B 92 -12.35 2.82 -44.74
C SER B 92 -13.47 2.56 -43.73
N HIS B 93 -13.37 1.41 -43.08
CA HIS B 93 -14.27 1.05 -42.00
C HIS B 93 -13.43 0.61 -40.81
N THR B 94 -14.03 0.58 -39.62
CA THR B 94 -13.26 0.29 -38.42
C THR B 94 -13.79 -0.93 -37.68
N LEU B 95 -12.87 -1.78 -37.22
CA LEU B 95 -13.23 -2.90 -36.38
C LEU B 95 -12.51 -2.80 -35.04
N GLN B 96 -13.28 -2.60 -33.97
CA GLN B 96 -12.72 -2.49 -32.64
C GLN B 96 -13.05 -3.70 -31.77
N TRP B 97 -12.10 -4.08 -30.93
CA TRP B 97 -12.29 -5.23 -30.06
C TRP B 97 -11.67 -4.96 -28.70
N MET B 98 -12.48 -5.00 -27.65
CA MET B 98 -11.99 -4.80 -26.30
C MET B 98 -12.36 -5.97 -25.39
N HIS B 99 -11.40 -6.41 -24.58
CA HIS B 99 -11.63 -7.48 -23.63
C HIS B 99 -10.79 -7.25 -22.38
N GLY B 100 -11.29 -7.69 -21.23
CA GLY B 100 -10.59 -7.50 -19.98
C GLY B 100 -11.18 -8.25 -18.81
N CYS B 101 -10.37 -8.50 -17.80
CA CYS B 101 -10.81 -9.13 -16.57
C CYS B 101 -10.55 -8.22 -15.39
N GLU B 102 -11.41 -8.29 -14.37
CA GLU B 102 -11.29 -7.40 -13.23
C GLU B 102 -11.27 -8.14 -11.90
N LEU B 103 -10.58 -7.57 -10.92
CA LEU B 103 -10.59 -8.10 -9.58
C LEU B 103 -11.47 -7.25 -8.68
N GLY B 104 -12.17 -7.89 -7.76
CA GLY B 104 -12.99 -7.18 -6.79
C GLY B 104 -12.13 -6.50 -5.75
N PRO B 105 -12.78 -5.79 -4.82
CA PRO B 105 -12.06 -5.10 -3.73
C PRO B 105 -11.27 -6.08 -2.86
N ASP B 106 -11.64 -7.35 -2.90
CA ASP B 106 -10.96 -8.36 -2.08
C ASP B 106 -9.85 -9.07 -2.84
N ARG B 107 -9.50 -8.55 -4.01
CA ARG B 107 -8.39 -9.07 -4.80
C ARG B 107 -8.72 -10.33 -5.61
N ARG B 108 -9.98 -10.75 -5.56
CA ARG B 108 -10.40 -11.96 -6.26
C ARG B 108 -11.10 -11.65 -7.58
N PHE B 109 -11.14 -12.64 -8.47
CA PHE B 109 -11.79 -12.48 -9.76
C PHE B 109 -13.24 -12.04 -9.58
N LEU B 110 -13.63 -11.02 -10.33
CA LEU B 110 -15.00 -10.50 -10.23
C LEU B 110 -15.74 -10.62 -11.55
N ARG B 111 -15.11 -10.18 -12.63
CA ARG B 111 -15.83 -10.00 -13.88
C ARG B 111 -14.93 -10.05 -15.09
N GLY B 112 -15.39 -10.75 -16.12
CA GLY B 112 -14.75 -10.74 -17.42
C GLY B 112 -15.66 -10.02 -18.40
N TYR B 113 -15.12 -9.62 -19.54
CA TYR B 113 -15.93 -8.96 -20.55
C TYR B 113 -15.24 -8.94 -21.91
N GLU B 114 -16.02 -8.79 -22.97
CA GLU B 114 -15.47 -8.81 -24.32
C GLU B 114 -16.49 -8.30 -25.33
N GLN B 115 -16.11 -7.27 -26.09
CA GLN B 115 -17.01 -6.65 -27.04
C GLN B 115 -16.35 -6.33 -28.37
N PHE B 116 -17.13 -6.45 -29.44
CA PHE B 116 -16.71 -6.03 -30.78
C PHE B 116 -17.58 -4.85 -31.21
N ALA B 117 -17.06 -4.03 -32.12
CA ALA B 117 -17.81 -2.87 -32.60
C ALA B 117 -17.41 -2.51 -34.01
N TYR B 118 -18.40 -2.34 -34.88
CA TYR B 118 -18.14 -1.99 -36.27
C TYR B 118 -18.49 -0.53 -36.53
N ASP B 119 -17.56 0.19 -37.13
CA ASP B 119 -17.75 1.61 -37.44
C ASP B 119 -18.20 2.43 -36.23
N GLY B 120 -17.78 2.03 -35.04
CA GLY B 120 -18.09 2.78 -33.83
C GLY B 120 -19.30 2.32 -33.05
N LYS B 121 -20.13 1.48 -33.67
CA LYS B 121 -21.35 1.01 -33.03
C LYS B 121 -21.21 -0.44 -32.56
N ASP B 122 -21.79 -0.74 -31.39
CA ASP B 122 -21.78 -2.09 -30.85
C ASP B 122 -22.13 -3.10 -31.93
N TYR B 123 -21.36 -4.19 -31.99
CA TYR B 123 -21.62 -5.23 -32.98
C TYR B 123 -21.94 -6.56 -32.30
N LEU B 124 -20.92 -7.20 -31.74
CA LEU B 124 -21.11 -8.48 -31.07
C LEU B 124 -20.65 -8.38 -29.62
N THR B 125 -21.36 -9.04 -28.72
CA THR B 125 -21.05 -8.96 -27.30
C THR B 125 -21.14 -10.32 -26.63
N LEU B 126 -20.09 -10.68 -25.89
CA LEU B 126 -20.12 -11.87 -25.06
C LEU B 126 -21.00 -11.63 -23.85
N ASN B 127 -21.92 -12.56 -23.59
CA ASN B 127 -22.85 -12.43 -22.47
C ASN B 127 -22.14 -12.48 -21.12
N GLU B 128 -22.76 -11.88 -20.10
CA GLU B 128 -22.14 -11.73 -18.79
C GLU B 128 -21.71 -13.06 -18.17
N ASP B 129 -22.40 -14.14 -18.55
CA ASP B 129 -22.08 -15.46 -18.02
C ASP B 129 -20.95 -16.14 -18.81
N LEU B 130 -20.47 -15.47 -19.84
CA LEU B 130 -19.36 -15.95 -20.67
C LEU B 130 -19.66 -17.27 -21.38
N ARG B 131 -20.94 -17.57 -21.54
CA ARG B 131 -21.34 -18.85 -22.13
C ARG B 131 -21.68 -18.74 -23.61
N SER B 132 -22.10 -17.56 -24.04
CA SER B 132 -22.54 -17.35 -25.42
C SER B 132 -22.46 -15.90 -25.86
N TRP B 133 -22.61 -15.68 -27.16
CA TRP B 133 -22.54 -14.33 -27.72
C TRP B 133 -23.93 -13.81 -28.09
N THR B 134 -24.02 -12.50 -28.31
CA THR B 134 -25.28 -11.86 -28.67
C THR B 134 -25.08 -10.78 -29.72
N ALA B 135 -25.86 -10.86 -30.80
CA ALA B 135 -25.85 -9.84 -31.82
C ALA B 135 -26.52 -8.58 -31.30
N VAL B 136 -25.73 -7.53 -31.11
CA VAL B 136 -26.26 -6.25 -30.69
C VAL B 136 -26.74 -5.49 -31.92
N ASP B 137 -25.85 -5.30 -32.87
CA ASP B 137 -26.23 -4.77 -34.17
C ASP B 137 -27.07 -5.81 -34.86
N THR B 138 -28.14 -5.38 -35.52
CA THR B 138 -29.04 -6.31 -36.20
C THR B 138 -28.33 -7.11 -37.29
N ALA B 139 -27.29 -6.52 -37.88
CA ALA B 139 -26.56 -7.16 -38.97
C ALA B 139 -25.51 -8.13 -38.45
N ALA B 140 -25.46 -8.30 -37.13
CA ALA B 140 -24.47 -9.18 -36.51
C ALA B 140 -25.02 -10.59 -36.31
N GLN B 141 -26.22 -10.82 -36.83
CA GLN B 141 -26.90 -12.10 -36.61
C GLN B 141 -26.12 -13.30 -37.15
N ILE B 142 -25.49 -13.14 -38.32
CA ILE B 142 -24.72 -14.22 -38.91
C ILE B 142 -23.45 -14.48 -38.11
N SER B 143 -22.80 -13.41 -37.65
CA SER B 143 -21.61 -13.54 -36.83
C SER B 143 -21.92 -14.24 -35.51
N GLU B 144 -23.17 -14.17 -35.07
CA GLU B 144 -23.58 -14.75 -33.80
C GLU B 144 -23.64 -16.27 -33.85
N GLN B 145 -24.27 -16.81 -34.89
CA GLN B 145 -24.40 -18.26 -35.03
C GLN B 145 -23.05 -18.91 -35.32
N LYS B 146 -22.24 -18.27 -36.15
CA LYS B 146 -20.89 -18.77 -36.43
C LYS B 146 -20.11 -18.95 -35.13
N SER B 147 -20.20 -17.94 -34.26
CA SER B 147 -19.48 -17.99 -32.99
C SER B 147 -20.05 -19.03 -32.04
N ASN B 148 -21.37 -19.03 -31.87
CA ASN B 148 -22.03 -19.98 -30.99
C ASN B 148 -21.90 -21.42 -31.46
N ASP B 149 -21.74 -21.61 -32.77
CA ASP B 149 -21.52 -22.93 -33.33
C ASP B 149 -20.08 -23.37 -33.12
N ALA B 150 -19.15 -22.44 -33.30
CA ALA B 150 -17.73 -22.73 -33.15
C ALA B 150 -17.32 -22.81 -31.68
N SER B 151 -18.30 -22.79 -30.79
CA SER B 151 -18.05 -22.84 -29.34
C SER B 151 -17.00 -21.82 -28.91
N GLU B 152 -16.97 -20.67 -29.57
CA GLU B 152 -15.96 -19.66 -29.32
C GLU B 152 -16.02 -19.07 -27.92
N ALA B 153 -17.20 -19.14 -27.30
CA ALA B 153 -17.39 -18.57 -25.97
C ALA B 153 -16.65 -19.35 -24.90
N GLU B 154 -16.01 -20.44 -25.30
CA GLU B 154 -15.32 -21.31 -24.33
C GLU B 154 -13.84 -20.97 -24.20
N HIS B 155 -13.13 -20.93 -25.32
CA HIS B 155 -11.71 -20.61 -25.31
C HIS B 155 -11.47 -19.21 -24.71
N GLN B 156 -12.49 -18.36 -24.83
CA GLN B 156 -12.42 -17.01 -24.30
C GLN B 156 -12.68 -17.01 -22.80
N ARG B 157 -13.75 -17.69 -22.39
CA ARG B 157 -14.08 -17.83 -20.98
C ARG B 157 -12.91 -18.40 -20.19
N ALA B 158 -12.20 -19.35 -20.77
CA ALA B 158 -11.03 -19.94 -20.13
C ALA B 158 -9.94 -18.88 -19.98
N TYR B 159 -9.80 -18.04 -21.00
CA TYR B 159 -8.80 -16.98 -20.96
C TYR B 159 -9.11 -15.94 -19.89
N LEU B 160 -10.34 -15.47 -19.85
CA LEU B 160 -10.75 -14.43 -18.90
C LEU B 160 -10.71 -14.91 -17.45
N GLU B 161 -11.34 -16.05 -17.18
CA GLU B 161 -11.44 -16.53 -15.81
C GLU B 161 -10.11 -17.01 -15.24
N ASP B 162 -9.20 -17.44 -16.12
CA ASP B 162 -7.95 -18.05 -15.66
C ASP B 162 -6.70 -17.31 -16.12
N THR B 163 -6.36 -17.47 -17.39
CA THR B 163 -5.13 -16.90 -17.93
C THR B 163 -5.02 -15.40 -17.67
N CYS B 164 -6.05 -14.66 -18.05
CA CYS B 164 -6.07 -13.22 -17.87
C CYS B 164 -5.82 -12.85 -16.41
N VAL B 165 -6.38 -13.64 -15.50
CA VAL B 165 -6.23 -13.40 -14.07
C VAL B 165 -4.79 -13.66 -13.61
N GLU B 166 -4.31 -14.87 -13.84
CA GLU B 166 -2.96 -15.25 -13.43
C GLU B 166 -1.94 -14.21 -13.85
N TRP B 167 -2.05 -13.71 -15.08
CA TRP B 167 -1.12 -12.72 -15.59
C TRP B 167 -1.32 -11.35 -14.96
N LEU B 168 -2.57 -10.98 -14.71
CA LEU B 168 -2.85 -9.72 -14.04
C LEU B 168 -2.03 -9.64 -12.76
N HIS B 169 -1.91 -10.76 -12.06
CA HIS B 169 -1.13 -10.82 -10.83
C HIS B 169 0.38 -10.74 -11.11
N LYS B 170 0.81 -11.41 -12.17
CA LYS B 170 2.21 -11.35 -12.57
C LYS B 170 2.61 -9.92 -12.89
N TYR B 171 1.78 -9.22 -13.66
CA TYR B 171 2.08 -7.84 -14.01
C TYR B 171 2.11 -6.94 -12.78
N LEU B 172 1.10 -7.10 -11.92
CA LEU B 172 1.00 -6.31 -10.70
C LEU B 172 2.27 -6.44 -9.85
N GLU B 173 2.86 -7.63 -9.86
CA GLU B 173 4.10 -7.89 -9.16
C GLU B 173 5.28 -7.23 -9.89
N LYS B 174 5.39 -7.49 -11.19
CA LYS B 174 6.47 -6.96 -12.00
C LYS B 174 6.56 -5.43 -11.96
N GLY B 175 5.41 -4.76 -11.82
CA GLY B 175 5.38 -3.31 -11.82
C GLY B 175 4.83 -2.70 -10.56
N LYS B 176 5.04 -3.37 -9.43
CA LYS B 176 4.49 -2.94 -8.15
C LYS B 176 4.86 -1.50 -7.79
N GLU B 177 6.14 -1.17 -7.91
CA GLU B 177 6.63 0.15 -7.50
C GLU B 177 5.72 1.28 -7.99
N THR B 178 5.12 1.10 -9.16
CA THR B 178 4.19 2.09 -9.71
C THR B 178 2.74 1.62 -9.58
N LEU B 179 2.43 0.48 -10.19
CA LEU B 179 1.08 -0.08 -10.19
C LEU B 179 0.38 -0.06 -8.83
N LEU B 180 1.10 -0.41 -7.78
CA LEU B 180 0.50 -0.52 -6.46
C LEU B 180 0.78 0.68 -5.56
N HIS B 181 1.46 1.68 -6.11
CA HIS B 181 1.72 2.92 -5.39
C HIS B 181 0.65 3.97 -5.68
N LEU B 182 -0.15 4.28 -4.67
CA LEU B 182 -1.19 5.30 -4.82
C LEU B 182 -0.60 6.70 -4.72
N GLU B 183 -0.60 7.42 -5.85
CA GLU B 183 -0.02 8.75 -5.91
C GLU B 183 -1.09 9.80 -5.65
N PRO B 184 -1.01 10.47 -4.49
CA PRO B 184 -1.99 11.48 -4.11
C PRO B 184 -1.82 12.77 -4.90
N PRO B 185 -2.92 13.46 -5.20
CA PRO B 185 -2.88 14.70 -5.98
C PRO B 185 -2.35 15.89 -5.17
N LYS B 186 -1.54 16.71 -5.83
CA LYS B 186 -1.13 17.98 -5.26
C LYS B 186 -2.13 19.02 -5.71
N THR B 187 -2.73 19.73 -4.76
CA THR B 187 -3.83 20.63 -5.08
C THR B 187 -3.60 22.08 -4.66
N HIS B 188 -4.19 22.99 -5.42
CA HIS B 188 -4.11 24.42 -5.12
C HIS B 188 -5.16 25.18 -5.90
N VAL B 189 -5.55 26.35 -5.40
CA VAL B 189 -6.56 27.17 -6.06
C VAL B 189 -5.95 28.43 -6.69
N THR B 190 -6.29 28.67 -7.96
CA THR B 190 -5.83 29.85 -8.67
C THR B 190 -6.95 30.87 -8.86
N HIS B 191 -6.57 32.12 -9.06
CA HIS B 191 -7.53 33.22 -9.18
C HIS B 191 -7.30 34.03 -10.45
N HIS B 192 -8.34 34.18 -11.26
CA HIS B 192 -8.20 34.86 -12.55
C HIS B 192 -9.33 35.87 -12.77
N PRO B 193 -9.03 37.16 -12.56
CA PRO B 193 -10.02 38.23 -12.71
C PRO B 193 -10.59 38.28 -14.13
N ILE B 194 -11.91 38.38 -14.24
CA ILE B 194 -12.54 38.63 -15.53
C ILE B 194 -12.74 40.13 -15.67
N SER B 195 -13.24 40.75 -14.61
CA SER B 195 -13.30 42.20 -14.50
C SER B 195 -12.97 42.55 -13.06
N ASP B 196 -13.18 43.81 -12.67
CA ASP B 196 -12.95 44.21 -11.29
C ASP B 196 -14.02 43.63 -10.36
N HIS B 197 -15.02 42.99 -10.94
CA HIS B 197 -16.18 42.53 -10.17
C HIS B 197 -16.44 41.03 -10.32
N GLU B 198 -15.76 40.40 -11.28
CA GLU B 198 -15.84 38.96 -11.47
C GLU B 198 -14.45 38.33 -11.52
N ALA B 199 -14.40 37.02 -11.29
CA ALA B 199 -13.14 36.30 -11.29
C ALA B 199 -13.39 34.79 -11.30
N THR B 200 -12.50 34.05 -11.95
CA THR B 200 -12.63 32.60 -12.02
C THR B 200 -11.78 31.93 -10.94
N LEU B 201 -12.41 31.04 -10.18
CA LEU B 201 -11.70 30.26 -9.18
C LEU B 201 -11.46 28.84 -9.66
N ARG B 202 -10.24 28.56 -10.05
CA ARG B 202 -9.87 27.26 -10.59
C ARG B 202 -9.25 26.37 -9.52
N CYS B 203 -9.84 25.20 -9.31
CA CYS B 203 -9.30 24.22 -8.37
C CYS B 203 -8.50 23.14 -9.11
N TRP B 204 -7.21 23.04 -8.77
CA TRP B 204 -6.33 22.11 -9.48
C TRP B 204 -6.06 20.82 -8.70
N ALA B 205 -5.89 19.73 -9.45
CA ALA B 205 -5.48 18.44 -8.90
C ALA B 205 -4.43 17.83 -9.83
N LEU B 206 -3.18 17.82 -9.39
CA LEU B 206 -2.08 17.43 -10.27
C LEU B 206 -1.33 16.16 -9.85
N GLY B 207 -0.71 15.50 -10.82
CA GLY B 207 0.18 14.38 -10.59
C GLY B 207 -0.36 13.23 -9.76
N PHE B 208 -1.63 12.89 -9.94
CA PHE B 208 -2.22 11.79 -9.19
C PHE B 208 -2.38 10.49 -10.01
N TYR B 209 -2.37 9.37 -9.31
CA TYR B 209 -2.65 8.06 -9.89
C TYR B 209 -3.32 7.20 -8.82
N PRO B 210 -4.39 6.49 -9.19
CA PRO B 210 -4.93 6.35 -10.56
C PRO B 210 -5.73 7.57 -11.01
N ALA B 211 -6.33 7.47 -12.18
CA ALA B 211 -7.01 8.59 -12.81
C ALA B 211 -8.31 8.97 -12.12
N GLU B 212 -8.90 8.02 -11.39
CA GLU B 212 -10.18 8.26 -10.73
C GLU B 212 -10.07 9.38 -9.70
N ILE B 213 -10.98 10.33 -9.77
CA ILE B 213 -10.97 11.48 -8.87
C ILE B 213 -12.30 12.25 -8.93
N THR B 214 -12.57 13.04 -7.89
CA THR B 214 -13.78 13.85 -7.85
C THR B 214 -13.50 15.28 -7.41
N LEU B 215 -13.84 16.24 -8.28
CA LEU B 215 -13.67 17.65 -7.97
C LEU B 215 -15.02 18.36 -7.89
N THR B 216 -15.24 19.08 -6.80
CA THR B 216 -16.50 19.79 -6.62
C THR B 216 -16.31 21.14 -5.91
N TRP B 217 -17.11 22.11 -6.32
CA TRP B 217 -17.15 23.40 -5.65
C TRP B 217 -18.42 23.52 -4.83
N GLN B 218 -18.34 24.24 -3.71
CA GLN B 218 -19.50 24.51 -2.88
C GLN B 218 -19.58 25.99 -2.52
N GLN B 219 -20.71 26.61 -2.85
CA GLN B 219 -20.95 28.01 -2.54
C GLN B 219 -21.57 28.16 -1.16
N ASP B 220 -20.79 28.68 -0.21
CA ASP B 220 -21.25 28.87 1.16
C ASP B 220 -21.50 27.54 1.86
N GLY B 221 -20.88 26.48 1.34
CA GLY B 221 -21.05 25.14 1.88
C GLY B 221 -22.28 24.46 1.33
N GLU B 222 -22.94 25.12 0.38
CA GLU B 222 -24.12 24.56 -0.27
C GLU B 222 -23.71 23.89 -1.57
N GLY B 223 -24.59 23.04 -2.09
CA GLY B 223 -24.37 22.46 -3.41
C GLY B 223 -24.34 23.56 -4.45
N HIS B 224 -23.39 23.47 -5.38
CA HIS B 224 -23.21 24.53 -6.37
C HIS B 224 -22.63 24.01 -7.68
N THR B 225 -23.18 22.90 -8.18
CA THR B 225 -22.72 22.33 -9.45
C THR B 225 -23.11 23.23 -10.62
N GLN B 226 -24.19 23.98 -10.44
CA GLN B 226 -24.51 25.08 -11.34
C GLN B 226 -23.35 26.06 -11.32
N ASP B 227 -22.95 26.55 -12.49
CA ASP B 227 -21.83 27.48 -12.61
C ASP B 227 -20.50 26.77 -12.88
N THR B 228 -20.26 25.66 -12.17
CA THR B 228 -18.99 24.95 -12.27
C THR B 228 -18.66 24.41 -13.67
N GLU B 229 -17.41 24.62 -14.08
CA GLU B 229 -16.90 24.07 -15.33
C GLU B 229 -15.92 22.93 -15.00
N LEU B 230 -16.06 21.81 -15.69
CA LEU B 230 -15.26 20.63 -15.38
C LEU B 230 -14.59 20.02 -16.61
N VAL B 231 -13.26 20.09 -16.66
CA VAL B 231 -12.52 19.43 -17.73
C VAL B 231 -12.41 17.94 -17.46
N GLU B 232 -12.18 17.16 -18.51
CA GLU B 232 -12.04 15.73 -18.36
C GLU B 232 -10.67 15.36 -17.85
N THR B 233 -10.60 14.33 -17.00
CA THR B 233 -9.33 13.86 -16.47
C THR B 233 -8.34 13.63 -17.60
N ARG B 234 -7.17 14.25 -17.49
CA ARG B 234 -6.19 14.24 -18.58
C ARG B 234 -4.84 13.74 -18.11
N PRO B 235 -4.10 13.07 -19.02
CA PRO B 235 -2.79 12.52 -18.69
C PRO B 235 -1.71 13.60 -18.59
N ALA B 236 -0.88 13.52 -17.55
CA ALA B 236 0.23 14.45 -17.40
C ALA B 236 1.31 14.14 -18.44
N GLY B 237 1.40 12.87 -18.83
CA GLY B 237 2.40 12.44 -19.80
C GLY B 237 3.56 11.73 -19.14
N ASP B 238 3.51 11.66 -17.80
CA ASP B 238 4.57 11.03 -17.03
C ASP B 238 4.05 9.84 -16.24
N GLY B 239 2.80 9.46 -16.48
CA GLY B 239 2.18 8.36 -15.78
C GLY B 239 1.11 8.79 -14.80
N THR B 240 1.02 10.09 -14.55
CA THR B 240 0.01 10.64 -13.65
C THR B 240 -1.10 11.35 -14.42
N PHE B 241 -2.00 12.01 -13.69
CA PHE B 241 -3.15 12.66 -14.31
C PHE B 241 -3.46 14.02 -13.70
N GLN B 242 -4.18 14.84 -14.47
CA GLN B 242 -4.57 16.16 -14.04
C GLN B 242 -6.07 16.38 -14.22
N LYS B 243 -6.61 17.35 -13.49
CA LYS B 243 -8.01 17.73 -13.63
C LYS B 243 -8.26 19.03 -12.86
N TRP B 244 -9.24 19.80 -13.31
CA TRP B 244 -9.64 21.00 -12.57
C TRP B 244 -11.10 21.38 -12.75
N ALA B 245 -11.68 21.92 -11.69
CA ALA B 245 -13.04 22.44 -11.72
C ALA B 245 -12.95 23.96 -11.59
N ALA B 246 -13.75 24.67 -12.39
CA ALA B 246 -13.73 26.13 -12.34
C ALA B 246 -15.10 26.69 -11.96
N VAL B 247 -15.08 27.87 -11.35
CA VAL B 247 -16.31 28.54 -10.96
C VAL B 247 -16.13 30.05 -11.04
N VAL B 248 -17.13 30.74 -11.59
CA VAL B 248 -17.09 32.19 -11.70
C VAL B 248 -17.58 32.84 -10.39
N VAL B 249 -16.86 33.85 -9.94
CA VAL B 249 -17.06 34.39 -8.60
C VAL B 249 -16.92 35.92 -8.55
N PRO B 250 -17.76 36.57 -7.73
CA PRO B 250 -17.72 38.03 -7.54
C PRO B 250 -16.47 38.46 -6.77
N SER B 251 -15.67 39.34 -7.37
CA SER B 251 -14.45 39.80 -6.71
C SER B 251 -14.73 40.30 -5.30
N GLY B 252 -13.92 39.86 -4.36
CA GLY B 252 -14.06 40.26 -2.97
C GLY B 252 -14.64 39.17 -2.09
N GLU B 253 -15.42 38.28 -2.68
CA GLU B 253 -16.12 37.26 -1.92
C GLU B 253 -15.59 35.86 -2.22
N GLU B 254 -14.30 35.77 -2.55
CA GLU B 254 -13.68 34.48 -2.83
C GLU B 254 -13.89 33.47 -1.71
N GLN B 255 -13.72 33.93 -0.46
CA GLN B 255 -13.72 33.04 0.70
C GLN B 255 -15.03 32.27 0.88
N ARG B 256 -16.05 32.64 0.12
CA ARG B 256 -17.34 31.96 0.18
C ARG B 256 -17.28 30.57 -0.43
N TYR B 257 -16.30 30.34 -1.29
CA TYR B 257 -16.23 29.11 -2.09
C TYR B 257 -15.11 28.17 -1.67
N THR B 258 -15.45 26.88 -1.58
CA THR B 258 -14.49 25.86 -1.18
C THR B 258 -14.52 24.65 -2.11
N CYS B 259 -13.35 24.28 -2.60
CA CYS B 259 -13.22 23.13 -3.50
C CYS B 259 -12.98 21.86 -2.70
N HIS B 260 -13.53 20.74 -3.17
CA HIS B 260 -13.40 19.46 -2.48
C HIS B 260 -12.84 18.36 -3.37
N VAL B 261 -11.79 17.71 -2.88
CA VAL B 261 -11.08 16.69 -3.66
C VAL B 261 -11.20 15.32 -3.01
N GLN B 262 -11.49 14.30 -3.83
CA GLN B 262 -11.55 12.93 -3.36
C GLN B 262 -10.70 12.01 -4.23
N HIS B 263 -9.87 11.19 -3.58
CA HIS B 263 -8.94 10.33 -4.31
C HIS B 263 -8.48 9.16 -3.45
N GLU B 264 -8.30 8.01 -4.09
CA GLU B 264 -7.91 6.78 -3.40
C GLU B 264 -6.57 6.92 -2.68
N GLY B 265 -5.79 7.91 -3.07
CA GLY B 265 -4.48 8.15 -2.47
C GLY B 265 -4.54 9.14 -1.32
N LEU B 266 -5.72 9.69 -1.08
CA LEU B 266 -5.91 10.66 -0.01
C LEU B 266 -6.47 10.03 1.26
N PRO B 267 -5.80 10.26 2.40
CA PRO B 267 -6.28 9.81 3.71
C PRO B 267 -7.74 10.23 3.89
N GLU B 268 -7.98 11.51 4.13
CA GLU B 268 -9.32 12.05 4.18
C GLU B 268 -9.54 13.04 3.04
N PRO B 269 -10.79 13.17 2.57
CA PRO B 269 -11.13 14.17 1.55
C PRO B 269 -10.49 15.52 1.88
N VAL B 270 -10.19 16.32 0.86
CA VAL B 270 -9.46 17.56 1.06
C VAL B 270 -10.24 18.79 0.62
N THR B 271 -10.19 19.85 1.43
CA THR B 271 -10.88 21.09 1.13
C THR B 271 -9.90 22.23 0.83
N LEU B 272 -10.24 23.08 -0.13
CA LEU B 272 -9.39 24.21 -0.47
C LEU B 272 -10.16 25.53 -0.54
N ARG B 273 -9.43 26.61 -0.29
CA ARG B 273 -9.93 27.97 -0.50
C ARG B 273 -8.84 28.78 -1.21
N TRP B 274 -9.23 29.90 -1.79
CA TRP B 274 -8.22 30.82 -2.32
C TRP B 274 -7.63 31.64 -1.19
N LYS B 275 -6.31 31.71 -1.16
CA LYS B 275 -5.60 32.41 -0.09
C LYS B 275 -4.81 33.58 -0.66
N PRO B 276 -5.36 34.80 -0.52
CA PRO B 276 -4.76 36.02 -1.06
C PRO B 276 -3.27 36.14 -0.75
N MET C 1 26.29 -15.12 30.56
CA MET C 1 25.12 -14.89 31.41
C MET C 1 24.98 -13.42 31.81
N ILE C 2 23.86 -12.82 31.43
CA ILE C 2 23.62 -11.42 31.74
C ILE C 2 22.45 -11.27 32.72
N GLN C 3 21.67 -12.35 32.85
CA GLN C 3 20.57 -12.47 33.82
C GLN C 3 19.96 -11.17 34.34
N ARG C 4 18.71 -10.92 33.95
CA ARG C 4 17.97 -9.74 34.41
C ARG C 4 16.64 -10.13 35.04
N THR C 5 16.13 -9.28 35.91
CA THR C 5 14.90 -9.56 36.66
C THR C 5 13.66 -9.08 35.92
N PRO C 6 12.61 -9.93 35.87
CA PRO C 6 11.32 -9.61 35.25
C PRO C 6 10.64 -8.41 35.91
N LYS C 7 10.04 -7.55 35.10
CA LYS C 7 9.21 -6.47 35.60
C LYS C 7 7.76 -6.85 35.33
N ILE C 8 6.94 -6.80 36.38
CA ILE C 8 5.58 -7.35 36.31
C ILE C 8 4.48 -6.28 36.39
N GLN C 9 3.39 -6.51 35.66
CA GLN C 9 2.20 -5.68 35.78
C GLN C 9 0.94 -6.54 35.63
N VAL C 10 0.05 -6.46 36.61
CA VAL C 10 -1.25 -7.12 36.52
C VAL C 10 -2.32 -6.07 36.31
N TYR C 11 -3.23 -6.32 35.37
CA TYR C 11 -4.25 -5.35 35.01
C TYR C 11 -5.31 -5.97 34.10
N SER C 12 -6.40 -5.24 33.89
CA SER C 12 -7.48 -5.71 33.03
C SER C 12 -7.45 -5.04 31.66
N ARG C 13 -8.03 -5.69 30.65
CA ARG C 13 -8.12 -5.14 29.32
C ARG C 13 -8.92 -3.84 29.32
N HIS C 14 -10.09 -3.89 29.95
CA HIS C 14 -10.95 -2.73 30.07
C HIS C 14 -11.12 -2.37 31.54
N PRO C 15 -11.56 -1.13 31.82
CA PRO C 15 -11.82 -0.71 33.20
C PRO C 15 -12.82 -1.66 33.86
N ALA C 16 -12.44 -2.20 35.01
CA ALA C 16 -13.21 -3.24 35.67
C ALA C 16 -14.60 -2.78 36.10
N GLU C 17 -15.60 -3.60 35.79
CA GLU C 17 -16.95 -3.42 36.28
C GLU C 17 -17.44 -4.75 36.85
N ASN C 18 -17.84 -4.78 38.11
CA ASN C 18 -18.38 -6.00 38.69
C ASN C 18 -19.45 -6.61 37.79
N GLY C 19 -19.28 -7.88 37.44
CA GLY C 19 -20.24 -8.59 36.64
C GLY C 19 -20.02 -8.49 35.14
N LYS C 20 -19.21 -7.52 34.71
CA LYS C 20 -18.94 -7.33 33.30
C LYS C 20 -17.74 -8.16 32.83
N SER C 21 -17.94 -8.94 31.77
CA SER C 21 -16.88 -9.79 31.26
C SER C 21 -15.68 -8.97 30.80
N ASN C 22 -14.48 -9.45 31.09
CA ASN C 22 -13.25 -8.72 30.83
C ASN C 22 -12.09 -9.66 30.53
N PHE C 23 -10.90 -9.11 30.46
CA PHE C 23 -9.67 -9.89 30.31
C PHE C 23 -8.64 -9.47 31.33
N LEU C 24 -8.04 -10.46 31.99
CA LEU C 24 -6.99 -10.20 32.97
C LEU C 24 -5.62 -10.42 32.35
N ASN C 25 -4.72 -9.47 32.57
CA ASN C 25 -3.40 -9.50 31.94
C ASN C 25 -2.24 -9.52 32.92
N CYS C 26 -1.18 -10.22 32.54
CA CYS C 26 0.08 -10.19 33.28
C CYS C 26 1.20 -9.93 32.29
N TYR C 27 1.66 -8.68 32.24
CA TYR C 27 2.72 -8.28 31.34
C TYR C 27 4.08 -8.41 32.02
N VAL C 28 4.86 -9.40 31.59
CA VAL C 28 6.19 -9.61 32.13
C VAL C 28 7.25 -9.20 31.10
N SER C 29 8.10 -8.25 31.48
CA SER C 29 9.08 -7.70 30.55
C SER C 29 10.45 -7.48 31.17
N GLY C 30 11.39 -7.05 30.35
CA GLY C 30 12.72 -6.68 30.81
C GLY C 30 13.54 -7.78 31.46
N PHE C 31 13.21 -9.04 31.16
CA PHE C 31 13.90 -10.18 31.78
C PHE C 31 14.79 -10.94 30.80
N HIS C 32 15.66 -11.77 31.37
CA HIS C 32 16.64 -12.55 30.60
C HIS C 32 17.34 -13.48 31.58
N PRO C 33 17.51 -14.76 31.20
CA PRO C 33 17.12 -15.40 29.95
C PRO C 33 15.60 -15.53 29.77
N SER C 34 15.20 -16.21 28.71
CA SER C 34 13.80 -16.30 28.31
C SER C 34 12.98 -17.31 29.11
N ASP C 35 13.65 -18.20 29.83
CA ASP C 35 12.93 -19.22 30.59
C ASP C 35 12.18 -18.58 31.75
N ILE C 36 10.86 -18.64 31.69
CA ILE C 36 10.02 -17.97 32.68
C ILE C 36 8.71 -18.71 32.90
N GLU C 37 8.21 -18.68 34.13
CA GLU C 37 6.95 -19.32 34.46
C GLU C 37 5.92 -18.31 34.97
N VAL C 38 4.73 -18.32 34.39
CA VAL C 38 3.70 -17.37 34.74
C VAL C 38 2.34 -18.02 34.98
N ASP C 39 1.77 -17.79 36.15
CA ASP C 39 0.44 -18.30 36.49
C ASP C 39 -0.55 -17.16 36.75
N LEU C 40 -1.81 -17.39 36.43
CA LEU C 40 -2.87 -16.46 36.79
C LEU C 40 -3.71 -17.08 37.89
N LEU C 41 -3.72 -16.44 39.05
CA LEU C 41 -4.38 -17.00 40.22
C LEU C 41 -5.75 -16.38 40.53
N LYS C 42 -6.71 -17.23 40.83
CA LYS C 42 -8.01 -16.79 41.31
C LYS C 42 -8.25 -17.35 42.70
N ASN C 43 -8.32 -16.47 43.68
CA ASN C 43 -8.44 -16.89 45.07
C ASN C 43 -7.36 -17.91 45.44
N GLY C 44 -6.14 -17.64 44.98
CA GLY C 44 -4.99 -18.46 45.28
C GLY C 44 -4.82 -19.66 44.35
N GLU C 45 -5.88 -19.98 43.61
CA GLU C 45 -5.86 -21.14 42.73
C GLU C 45 -5.47 -20.81 41.30
N ARG C 46 -4.63 -21.64 40.70
CA ARG C 46 -4.17 -21.43 39.34
C ARG C 46 -5.32 -21.57 38.34
N ILE C 47 -5.47 -20.58 37.47
CA ILE C 47 -6.51 -20.62 36.44
C ILE C 47 -6.07 -21.50 35.28
N GLU C 48 -6.94 -22.42 34.88
CA GLU C 48 -6.65 -23.30 33.75
C GLU C 48 -6.76 -22.53 32.44
N LYS C 49 -6.11 -23.05 31.41
CA LYS C 49 -6.22 -22.47 30.07
C LYS C 49 -5.93 -20.97 30.07
N VAL C 50 -4.65 -20.64 30.13
CA VAL C 50 -4.21 -19.25 30.02
C VAL C 50 -3.31 -19.08 28.79
N GLU C 51 -3.74 -18.23 27.86
CA GLU C 51 -2.95 -17.98 26.67
C GLU C 51 -1.88 -16.94 26.94
N HIS C 52 -0.73 -17.10 26.27
CA HIS C 52 0.32 -16.09 26.32
C HIS C 52 0.75 -15.73 24.90
N SER C 53 1.30 -14.53 24.74
CA SER C 53 1.75 -14.08 23.42
C SER C 53 3.02 -14.83 23.02
N ASP C 54 3.52 -14.51 21.84
CA ASP C 54 4.75 -15.12 21.33
C ASP C 54 5.98 -14.42 21.89
N LEU C 55 7.02 -15.21 22.16
CA LEU C 55 8.25 -14.69 22.74
C LEU C 55 8.96 -13.72 21.81
N SER C 56 9.11 -12.48 22.27
CA SER C 56 9.83 -11.46 21.53
C SER C 56 10.76 -10.73 22.49
N PHE C 57 11.48 -9.74 21.97
CA PHE C 57 12.39 -8.97 22.80
C PHE C 57 12.57 -7.54 22.29
N SER C 58 13.23 -6.72 23.11
CA SER C 58 13.41 -5.32 22.79
C SER C 58 14.84 -5.00 22.36
N LYS C 59 15.09 -3.75 22.01
CA LYS C 59 16.38 -3.32 21.48
C LYS C 59 17.54 -3.66 22.42
N ASP C 60 17.23 -3.88 23.69
CA ASP C 60 18.27 -4.17 24.68
C ASP C 60 18.30 -5.66 25.03
N TRP C 61 17.64 -6.47 24.20
CA TRP C 61 17.67 -7.93 24.31
C TRP C 61 16.76 -8.53 25.38
N SER C 62 16.07 -7.67 26.13
CA SER C 62 15.15 -8.15 27.17
C SER C 62 13.90 -8.75 26.55
N PHE C 63 13.42 -9.84 27.14
CA PHE C 63 12.22 -10.52 26.64
C PHE C 63 10.95 -9.96 27.26
N TYR C 64 9.84 -10.09 26.52
CA TYR C 64 8.55 -9.70 27.03
C TYR C 64 7.41 -10.63 26.57
N LEU C 65 6.60 -11.07 27.52
CA LEU C 65 5.45 -11.91 27.24
C LEU C 65 4.20 -11.33 27.88
N LEU C 66 3.05 -11.58 27.28
CA LEU C 66 1.77 -11.23 27.89
C LEU C 66 0.92 -12.48 28.12
N TYR C 67 0.56 -12.71 29.37
CA TYR C 67 -0.35 -13.80 29.72
C TYR C 67 -1.74 -13.22 29.95
N TYR C 68 -2.76 -13.94 29.51
CA TYR C 68 -4.12 -13.41 29.57
C TYR C 68 -5.20 -14.48 29.56
N THR C 69 -6.32 -14.18 30.23
CA THR C 69 -7.50 -15.03 30.20
C THR C 69 -8.74 -14.17 30.37
N GLU C 70 -9.89 -14.67 29.93
CA GLU C 70 -11.14 -13.93 30.05
C GLU C 70 -11.85 -14.23 31.37
N PHE C 71 -11.98 -13.21 32.21
CA PHE C 71 -12.65 -13.39 33.50
C PHE C 71 -13.79 -12.40 33.68
N THR C 72 -14.49 -12.53 34.80
CA THR C 72 -15.56 -11.61 35.17
C THR C 72 -15.34 -11.10 36.59
N PRO C 73 -14.88 -9.85 36.72
CA PRO C 73 -14.55 -9.26 38.03
C PRO C 73 -15.74 -9.27 38.99
N THR C 74 -15.48 -9.72 40.21
CA THR C 74 -16.46 -9.65 41.28
C THR C 74 -15.84 -8.86 42.42
N GLU C 75 -16.68 -8.36 43.32
CA GLU C 75 -16.18 -7.62 44.47
C GLU C 75 -15.32 -8.51 45.36
N LYS C 76 -15.81 -9.72 45.63
CA LYS C 76 -15.14 -10.65 46.54
C LYS C 76 -13.91 -11.33 45.94
N ASP C 77 -14.07 -11.89 44.75
CA ASP C 77 -13.00 -12.68 44.13
C ASP C 77 -11.70 -11.91 43.99
N GLU C 78 -10.61 -12.52 44.44
CA GLU C 78 -9.28 -11.93 44.34
C GLU C 78 -8.48 -12.58 43.21
N TYR C 79 -7.76 -11.75 42.46
CA TYR C 79 -6.93 -12.25 41.37
C TYR C 79 -5.50 -11.76 41.54
N ALA C 80 -4.54 -12.54 41.03
CA ALA C 80 -3.13 -12.19 41.15
C ALA C 80 -2.30 -12.87 40.07
N CYS C 81 -1.03 -12.47 39.98
CA CYS C 81 -0.10 -13.07 39.03
C CYS C 81 1.07 -13.68 39.80
N ARG C 82 1.41 -14.92 39.45
CA ARG C 82 2.54 -15.60 40.07
C ARG C 82 3.65 -15.84 39.05
N VAL C 83 4.82 -15.25 39.29
CA VAL C 83 5.94 -15.38 38.36
C VAL C 83 7.15 -16.06 39.00
N ASN C 84 7.85 -16.89 38.22
CA ASN C 84 9.09 -17.50 38.69
C ASN C 84 10.18 -17.45 37.62
N HIS C 85 11.32 -16.86 37.98
CA HIS C 85 12.45 -16.75 37.08
C HIS C 85 13.69 -17.19 37.83
N VAL C 86 14.76 -17.51 37.09
CA VAL C 86 15.99 -17.97 37.72
C VAL C 86 16.55 -16.89 38.65
N THR C 87 16.20 -15.63 38.38
CA THR C 87 16.70 -14.50 39.15
C THR C 87 15.85 -14.23 40.39
N LEU C 88 14.87 -15.10 40.62
CA LEU C 88 13.99 -14.98 41.78
C LEU C 88 14.21 -16.12 42.77
N SER C 89 14.51 -15.74 44.01
CA SER C 89 14.77 -16.69 45.08
C SER C 89 13.50 -17.41 45.52
N GLN C 90 12.36 -16.93 45.04
CA GLN C 90 11.07 -17.57 45.27
C GLN C 90 10.04 -16.89 44.39
N PRO C 91 8.93 -17.60 44.09
CA PRO C 91 7.88 -17.02 43.25
C PRO C 91 7.42 -15.66 43.77
N LYS C 92 7.42 -14.66 42.90
CA LYS C 92 6.93 -13.34 43.25
C LYS C 92 5.46 -13.18 42.88
N ILE C 93 4.63 -12.83 43.85
CA ILE C 93 3.19 -12.70 43.62
C ILE C 93 2.73 -11.26 43.75
N VAL C 94 2.09 -10.75 42.71
CA VAL C 94 1.54 -9.40 42.74
C VAL C 94 0.05 -9.43 42.40
N LYS C 95 -0.75 -8.91 43.33
CA LYS C 95 -2.21 -8.99 43.22
C LYS C 95 -2.76 -8.01 42.19
N TRP C 96 -3.94 -8.32 41.67
CA TRP C 96 -4.60 -7.42 40.73
C TRP C 96 -5.42 -6.36 41.46
N ASP C 97 -5.08 -5.11 41.22
CA ASP C 97 -5.83 -3.99 41.76
C ASP C 97 -6.44 -3.22 40.58
N ARG C 98 -7.76 -3.27 40.47
CA ARG C 98 -8.47 -2.65 39.36
C ARG C 98 -8.16 -1.15 39.26
N ASP C 99 -7.49 -0.61 40.27
CA ASP C 99 -7.15 0.80 40.29
C ASP C 99 -5.83 1.09 39.60
N MET C 100 -5.05 0.04 39.33
CA MET C 100 -3.77 0.18 38.65
C MET C 100 -3.67 -0.77 37.48
N MET D 1 -21.65 4.47 -40.22
CA MET D 1 -20.65 5.33 -39.60
C MET D 1 -21.19 5.97 -38.33
N ILE D 2 -20.30 6.63 -37.58
CA ILE D 2 -20.70 7.22 -36.32
C ILE D 2 -20.11 8.62 -36.12
N GLN D 3 -19.03 8.90 -36.83
CA GLN D 3 -18.40 10.23 -36.84
C GLN D 3 -18.64 11.11 -35.60
N ARG D 4 -17.63 11.19 -34.74
CA ARG D 4 -17.70 12.06 -33.57
C ARG D 4 -16.60 13.12 -33.62
N THR D 5 -16.97 14.35 -33.28
CA THR D 5 -16.01 15.46 -33.23
C THR D 5 -15.08 15.35 -32.02
N PRO D 6 -13.78 15.56 -32.23
CA PRO D 6 -12.77 15.45 -31.17
C PRO D 6 -12.94 16.52 -30.09
N LYS D 7 -12.56 16.15 -28.86
CA LYS D 7 -12.48 17.11 -27.77
C LYS D 7 -11.01 17.39 -27.46
N ILE D 8 -10.65 18.67 -27.42
CA ILE D 8 -9.24 19.06 -27.35
C ILE D 8 -8.88 19.78 -26.06
N GLN D 9 -7.73 19.40 -25.49
CA GLN D 9 -7.15 20.10 -24.34
C GLN D 9 -5.66 20.37 -24.55
N VAL D 10 -5.28 21.65 -24.46
CA VAL D 10 -3.88 22.01 -24.56
C VAL D 10 -3.40 22.49 -23.20
N TYR D 11 -2.32 21.90 -22.71
CA TYR D 11 -1.84 22.16 -21.36
C TYR D 11 -0.41 21.67 -21.17
N SER D 12 0.20 22.07 -20.05
CA SER D 12 1.58 21.68 -19.77
C SER D 12 1.67 20.60 -18.70
N ARG D 13 2.76 19.83 -18.73
CA ARG D 13 2.97 18.75 -17.77
C ARG D 13 3.00 19.29 -16.34
N HIS D 14 3.76 20.36 -16.14
CA HIS D 14 3.89 20.99 -14.83
C HIS D 14 3.42 22.43 -14.91
N PRO D 15 3.09 23.04 -13.75
CA PRO D 15 2.74 24.45 -13.72
C PRO D 15 3.83 25.30 -14.36
N ALA D 16 3.46 26.18 -15.26
CA ALA D 16 4.43 26.92 -16.06
C ALA D 16 5.07 28.11 -15.34
N GLU D 17 6.40 28.20 -15.47
CA GLU D 17 7.14 29.40 -15.10
C GLU D 17 7.91 29.85 -16.34
N ASN D 18 7.93 31.15 -16.60
CA ASN D 18 8.63 31.66 -17.78
C ASN D 18 10.10 31.29 -17.77
N GLY D 19 10.56 30.71 -18.88
CA GLY D 19 11.95 30.35 -19.06
C GLY D 19 12.34 28.98 -18.56
N LYS D 20 11.43 28.34 -17.83
CA LYS D 20 11.70 27.03 -17.23
C LYS D 20 11.20 25.89 -18.12
N SER D 21 12.08 24.93 -18.39
CA SER D 21 11.78 23.80 -19.26
C SER D 21 10.55 23.01 -18.79
N ASN D 22 9.70 22.64 -19.75
CA ASN D 22 8.46 21.95 -19.45
C ASN D 22 8.04 21.07 -20.64
N PHE D 23 6.94 20.35 -20.48
CA PHE D 23 6.37 19.57 -21.58
C PHE D 23 5.00 20.11 -21.96
N LEU D 24 4.78 20.28 -23.27
CA LEU D 24 3.50 20.77 -23.77
C LEU D 24 2.63 19.62 -24.28
N ASN D 25 1.46 19.47 -23.67
CA ASN D 25 0.56 18.38 -24.01
C ASN D 25 -0.66 18.85 -24.79
N CYS D 26 -1.03 18.08 -25.81
CA CYS D 26 -2.28 18.28 -26.51
C CYS D 26 -3.06 16.97 -26.47
N TYR D 27 -4.08 16.93 -25.61
CA TYR D 27 -4.86 15.72 -25.41
C TYR D 27 -6.12 15.73 -26.27
N VAL D 28 -6.26 14.72 -27.11
CA VAL D 28 -7.39 14.65 -28.03
C VAL D 28 -8.21 13.39 -27.74
N SER D 29 -9.51 13.57 -27.53
CA SER D 29 -10.35 12.46 -27.13
C SER D 29 -11.78 12.55 -27.66
N GLY D 30 -12.51 11.45 -27.55
CA GLY D 30 -13.92 11.41 -27.92
C GLY D 30 -14.24 11.53 -29.40
N PHE D 31 -13.28 11.19 -30.25
CA PHE D 31 -13.51 11.31 -31.69
C PHE D 31 -13.60 9.95 -32.38
N HIS D 32 -14.17 9.97 -33.58
CA HIS D 32 -14.33 8.78 -34.39
C HIS D 32 -14.70 9.23 -35.80
N PRO D 33 -14.07 8.63 -36.82
CA PRO D 33 -13.06 7.56 -36.75
C PRO D 33 -11.72 8.04 -36.23
N SER D 34 -10.73 7.15 -36.22
CA SER D 34 -9.44 7.40 -35.58
C SER D 34 -8.46 8.22 -36.42
N ASP D 35 -8.70 8.34 -37.71
CA ASP D 35 -7.80 9.12 -38.56
C ASP D 35 -7.83 10.58 -38.15
N ILE D 36 -6.76 11.03 -37.49
CA ILE D 36 -6.69 12.40 -37.00
C ILE D 36 -5.29 12.98 -37.18
N GLU D 37 -5.22 14.30 -37.36
CA GLU D 37 -3.95 14.99 -37.53
C GLU D 37 -3.77 16.04 -36.45
N VAL D 38 -2.68 15.93 -35.69
CA VAL D 38 -2.43 16.82 -34.57
C VAL D 38 -1.06 17.49 -34.66
N ASP D 39 -1.06 18.81 -34.62
CA ASP D 39 0.18 19.58 -34.70
C ASP D 39 0.36 20.48 -33.48
N LEU D 40 1.61 20.60 -33.03
CA LEU D 40 1.94 21.53 -31.96
C LEU D 40 2.65 22.75 -32.56
N LEU D 41 2.12 23.94 -32.29
CA LEU D 41 2.63 25.15 -32.90
C LEU D 41 3.41 26.01 -31.93
N LYS D 42 4.53 26.55 -32.39
CA LYS D 42 5.27 27.56 -31.64
C LYS D 42 5.36 28.83 -32.47
N ASN D 43 4.52 29.82 -32.15
CA ASN D 43 4.43 31.04 -32.93
C ASN D 43 3.91 30.77 -34.34
N GLY D 44 2.80 30.04 -34.43
CA GLY D 44 2.19 29.72 -35.70
C GLY D 44 2.90 28.62 -36.47
N GLU D 45 4.19 28.43 -36.18
CA GLU D 45 5.00 27.44 -36.88
C GLU D 45 4.86 26.04 -36.28
N ARG D 46 5.04 25.03 -37.12
CA ARG D 46 4.91 23.64 -36.68
C ARG D 46 6.20 23.16 -36.01
N ILE D 47 6.05 22.56 -34.83
CA ILE D 47 7.20 22.03 -34.09
C ILE D 47 7.61 20.64 -34.60
N GLU D 48 8.89 20.48 -34.88
CA GLU D 48 9.43 19.21 -35.38
C GLU D 48 9.65 18.23 -34.23
N LYS D 49 9.48 16.95 -34.53
CA LYS D 49 9.74 15.89 -33.56
C LYS D 49 8.77 15.94 -32.38
N VAL D 50 7.51 15.62 -32.67
CA VAL D 50 6.47 15.55 -31.65
C VAL D 50 5.99 14.10 -31.50
N GLU D 51 6.31 13.49 -30.37
CA GLU D 51 5.86 12.13 -30.10
C GLU D 51 4.38 12.08 -29.74
N HIS D 52 3.78 10.90 -29.85
CA HIS D 52 2.39 10.72 -29.45
C HIS D 52 2.14 9.30 -28.97
N SER D 53 1.14 9.14 -28.11
CA SER D 53 0.83 7.84 -27.52
C SER D 53 0.20 6.89 -28.52
N ASP D 54 0.06 5.63 -28.12
CA ASP D 54 -0.52 4.62 -28.99
C ASP D 54 -2.04 4.75 -29.03
N LEU D 55 -2.60 4.55 -30.21
CA LEU D 55 -4.04 4.66 -30.38
C LEU D 55 -4.77 3.74 -29.40
N SER D 56 -5.77 4.29 -28.71
CA SER D 56 -6.57 3.54 -27.77
C SER D 56 -7.96 4.18 -27.71
N PHE D 57 -8.89 3.51 -27.06
CA PHE D 57 -10.26 4.02 -26.97
C PHE D 57 -10.95 3.72 -25.64
N SER D 58 -11.98 4.51 -25.35
CA SER D 58 -12.77 4.35 -24.13
C SER D 58 -13.96 3.41 -24.35
N LYS D 59 -14.70 3.14 -23.28
CA LYS D 59 -15.79 2.16 -23.33
C LYS D 59 -16.87 2.47 -24.37
N ASP D 60 -16.92 3.72 -24.83
CA ASP D 60 -17.90 4.10 -25.84
C ASP D 60 -17.32 4.09 -27.25
N TRP D 61 -16.10 3.58 -27.38
CA TRP D 61 -15.44 3.41 -28.67
C TRP D 61 -14.75 4.68 -29.18
N SER D 62 -14.96 5.79 -28.50
CA SER D 62 -14.29 7.04 -28.88
C SER D 62 -12.79 6.92 -28.68
N PHE D 63 -12.02 7.44 -29.63
CA PHE D 63 -10.56 7.35 -29.57
C PHE D 63 -9.94 8.49 -28.78
N TYR D 64 -8.75 8.24 -28.22
CA TYR D 64 -7.97 9.28 -27.54
C TYR D 64 -6.47 9.14 -27.76
N LEU D 65 -5.80 10.29 -27.85
CA LEU D 65 -4.35 10.33 -28.08
C LEU D 65 -3.72 11.50 -27.34
N LEU D 66 -2.46 11.36 -26.98
CA LEU D 66 -1.71 12.46 -26.36
C LEU D 66 -0.51 12.84 -27.20
N TYR D 67 -0.57 14.02 -27.81
CA TYR D 67 0.56 14.56 -28.56
C TYR D 67 1.39 15.47 -27.67
N TYR D 68 2.63 15.08 -27.40
CA TYR D 68 3.47 15.78 -26.44
C TYR D 68 4.84 16.15 -27.00
N THR D 69 5.40 17.24 -26.48
CA THR D 69 6.75 17.68 -26.83
C THR D 69 7.35 18.42 -25.66
N GLU D 70 8.63 18.76 -25.76
CA GLU D 70 9.28 19.58 -24.75
C GLU D 70 9.25 21.03 -25.19
N PHE D 71 8.96 21.93 -24.26
CA PHE D 71 8.90 23.35 -24.59
C PHE D 71 9.25 24.21 -23.38
N THR D 72 9.73 25.42 -23.66
CA THR D 72 10.05 26.38 -22.61
C THR D 72 9.21 27.63 -22.78
N PRO D 73 8.19 27.79 -21.91
CA PRO D 73 7.30 28.95 -21.96
C PRO D 73 8.07 30.26 -21.87
N THR D 74 7.75 31.19 -22.77
CA THR D 74 8.33 32.52 -22.71
C THR D 74 7.20 33.53 -22.75
N GLU D 75 7.46 34.76 -22.33
CA GLU D 75 6.42 35.78 -22.34
C GLU D 75 6.13 36.22 -23.78
N LYS D 76 7.16 36.18 -24.63
CA LYS D 76 7.00 36.56 -26.03
C LYS D 76 6.47 35.41 -26.90
N ASP D 77 6.73 34.18 -26.48
CA ASP D 77 6.36 33.02 -27.28
C ASP D 77 4.94 32.54 -27.03
N GLU D 78 4.24 32.21 -28.11
CA GLU D 78 2.90 31.63 -28.04
C GLU D 78 2.94 30.17 -28.46
N TYR D 79 2.15 29.35 -27.79
CA TYR D 79 2.04 27.94 -28.14
C TYR D 79 0.59 27.55 -28.36
N ALA D 80 0.37 26.56 -29.22
CA ALA D 80 -0.98 26.17 -29.60
C ALA D 80 -1.08 24.75 -30.14
N CYS D 81 -2.30 24.32 -30.42
CA CYS D 81 -2.57 22.99 -30.96
C CYS D 81 -3.38 23.14 -32.24
N ARG D 82 -3.03 22.34 -33.25
CA ARG D 82 -3.79 22.35 -34.49
C ARG D 82 -4.31 20.94 -34.75
N VAL D 83 -5.63 20.81 -34.82
CA VAL D 83 -6.25 19.51 -34.98
C VAL D 83 -7.12 19.45 -36.24
N ASN D 84 -6.90 18.43 -37.04
CA ASN D 84 -7.73 18.22 -38.23
C ASN D 84 -8.37 16.83 -38.21
N HIS D 85 -9.66 16.79 -38.52
CA HIS D 85 -10.44 15.56 -38.46
C HIS D 85 -11.54 15.66 -39.50
N VAL D 86 -12.20 14.54 -39.79
CA VAL D 86 -13.24 14.52 -40.81
C VAL D 86 -14.46 15.33 -40.40
N THR D 87 -14.68 15.44 -39.09
CA THR D 87 -15.82 16.18 -38.57
C THR D 87 -15.61 17.69 -38.63
N LEU D 88 -14.35 18.11 -38.50
CA LEU D 88 -14.02 19.53 -38.52
C LEU D 88 -13.95 20.04 -39.96
N SER D 89 -14.84 20.99 -40.28
CA SER D 89 -14.90 21.55 -41.63
C SER D 89 -13.58 22.20 -42.02
N GLN D 90 -12.92 22.82 -41.05
CA GLN D 90 -11.61 23.40 -41.26
C GLN D 90 -10.75 23.17 -40.03
N PRO D 91 -9.43 23.31 -40.16
CA PRO D 91 -8.53 23.05 -39.04
C PRO D 91 -8.91 23.88 -37.80
N LYS D 92 -8.93 23.22 -36.64
CA LYS D 92 -9.26 23.89 -35.39
C LYS D 92 -8.01 24.18 -34.55
N ILE D 93 -7.83 25.45 -34.19
CA ILE D 93 -6.65 25.86 -33.43
C ILE D 93 -7.01 26.40 -32.06
N VAL D 94 -6.61 25.67 -31.01
CA VAL D 94 -6.80 26.13 -29.65
C VAL D 94 -5.46 26.45 -28.99
N LYS D 95 -5.30 27.71 -28.58
CA LYS D 95 -4.05 28.18 -28.00
C LYS D 95 -3.81 27.58 -26.62
N TRP D 96 -2.55 27.55 -26.21
CA TRP D 96 -2.21 27.13 -24.86
C TRP D 96 -2.29 28.30 -23.90
N ASP D 97 -2.99 28.09 -22.78
CA ASP D 97 -3.08 29.09 -21.74
C ASP D 97 -2.64 28.44 -20.43
N ARG D 98 -1.69 29.07 -19.76
CA ARG D 98 -1.10 28.51 -18.55
C ARG D 98 -2.10 28.42 -17.40
N ASP D 99 -3.23 29.11 -17.52
CA ASP D 99 -4.24 29.10 -16.48
C ASP D 99 -5.25 27.98 -16.69
N MET D 100 -5.08 27.24 -17.79
CA MET D 100 -5.98 26.15 -18.12
C MET D 100 -5.20 24.91 -18.56
N VAL E 1 8.39 -10.53 4.61
CA VAL E 1 9.04 -11.83 4.67
C VAL E 1 10.36 -11.71 5.40
N MET E 2 10.91 -12.83 5.85
CA MET E 2 12.22 -12.83 6.48
C MET E 2 13.30 -13.29 5.50
N GLY E 3 14.56 -13.10 5.89
CA GLY E 3 15.68 -13.39 5.01
C GLY E 3 15.87 -14.85 4.68
N PRO E 4 16.26 -15.13 3.43
CA PRO E 4 16.54 -16.48 2.92
C PRO E 4 17.73 -17.17 3.62
N ARG E 5 18.78 -16.41 3.94
CA ARG E 5 19.93 -16.98 4.63
C ARG E 5 20.45 -16.10 5.77
N THR E 6 20.77 -16.74 6.89
CA THR E 6 21.36 -16.07 8.04
C THR E 6 22.87 -16.30 8.08
N LEU E 7 23.51 -16.01 9.20
CA LEU E 7 24.95 -16.14 9.31
C LEU E 7 25.41 -17.41 10.02
N ILE E 8 26.35 -18.11 9.38
CA ILE E 8 27.07 -19.20 10.05
C ILE E 8 28.15 -18.55 10.89
N LEU E 9 28.04 -18.69 12.21
CA LEU E 9 28.99 -18.05 13.13
C LEU E 9 30.19 -18.94 13.41
N VAL F 1 -1.09 -11.06 -21.03
CA VAL F 1 -0.90 -11.61 -22.36
C VAL F 1 -2.17 -11.48 -23.20
N MET F 2 -2.03 -11.63 -24.50
CA MET F 2 -3.16 -11.66 -25.40
C MET F 2 -3.99 -12.90 -25.10
N GLY F 3 -5.23 -12.91 -25.58
CA GLY F 3 -6.08 -14.08 -25.42
C GLY F 3 -5.80 -15.08 -26.51
N PRO F 4 -6.59 -16.16 -26.55
CA PRO F 4 -6.48 -17.15 -27.63
C PRO F 4 -6.85 -16.53 -28.98
N ARG F 5 -7.02 -17.37 -29.98
CA ARG F 5 -7.40 -16.89 -31.30
C ARG F 5 -8.72 -16.12 -31.26
N THR F 6 -8.72 -14.94 -31.87
CA THR F 6 -9.91 -14.10 -31.91
C THR F 6 -11.03 -14.78 -32.69
N LEU F 7 -12.21 -14.17 -32.69
CA LEU F 7 -13.34 -14.72 -33.43
C LEU F 7 -13.26 -14.40 -34.91
N ILE F 8 -13.56 -15.39 -35.74
CA ILE F 8 -13.71 -15.16 -37.16
C ILE F 8 -15.14 -14.74 -37.43
N LEU F 9 -15.39 -13.44 -37.37
CA LEU F 9 -16.74 -12.90 -37.52
C LEU F 9 -17.38 -13.34 -38.83
#